data_6Z3C
#
_entry.id   6Z3C
#
_cell.length_a   48.110
_cell.length_b   54.970
_cell.length_c   282.430
_cell.angle_alpha   90.000
_cell.angle_beta   90.000
_cell.angle_gamma   90.000
#
_symmetry.space_group_name_H-M   'P 21 21 21'
#
loop_
_entity.id
_entity.type
_entity.pdbx_description
1 polymer 'Gfo/Idh/MocA family oxidoreductase'
2 non-polymer NICOTINAMIDE-ADENINE-DINUCLEOTIDE
3 non-polymer 'CITRATE ANION'
4 water water
#
_entity_poly.entity_id   1
_entity_poly.type   'polypeptide(L)'
_entity_poly.pdbx_seq_one_letter_code
;GAMADIGSMKTVGYAIVGTGYFGAELGRIMKEQEGARIVAVLDPENGQTIAEELDCDVETDLDTLYSREDVEAVIVATPN
YLHKEPVIKAAEHGVNVFCEKPIALSYQDCDEMVRTCQEHGVIFMAGHVMNFFHGVRYAKKLINDGVIGKVLYCHSARNG
WEEQQPTISWKKIREKSGGHLYHHIHELDCVQFLMGGMPEEVTMTGGNVAHQGEAFGDEDDMLFVNMQFSDNRYAVLEWG
SAFHWPEHYVLIQGTKGAIKIDMCDCGGTLKVDGREEHFLVHESQEEDDDRTRIYHGTEMDGAIMYGKPGKKPPMWLHSI
MKNEMKYLNGILHGKEVDDEFRPLLTGEAARAAIATADACTKSRFEDRKVKLSEIIGEGSTI
;
_entity_poly.pdbx_strand_id   AAA,BBB
#
# COMPACT_ATOMS: atom_id res chain seq x y z
N GLY A 1 -20.53 15.59 -33.87
CA GLY A 1 -20.30 15.13 -35.27
C GLY A 1 -19.94 16.27 -36.21
N ALA A 2 -20.31 16.14 -37.49
CA ALA A 2 -19.76 16.91 -38.64
C ALA A 2 -20.75 16.89 -39.83
N MET A 3 -20.51 17.73 -40.82
CA MET A 3 -21.39 17.80 -42.02
C MET A 3 -21.56 16.40 -42.64
N ALA A 4 -20.52 15.57 -42.61
CA ALA A 4 -20.53 14.23 -43.25
C ALA A 4 -21.57 13.32 -42.57
N ASP A 5 -22.08 13.66 -41.39
CA ASP A 5 -23.04 12.79 -40.65
C ASP A 5 -24.46 12.90 -41.24
N ILE A 6 -24.75 13.85 -42.11
CA ILE A 6 -26.10 13.91 -42.72
C ILE A 6 -26.33 12.61 -43.51
N GLY A 7 -27.55 12.13 -43.52
CA GLY A 7 -27.90 10.90 -44.23
C GLY A 7 -28.27 9.84 -43.24
N SER A 8 -28.98 8.84 -43.71
CA SER A 8 -29.44 7.72 -42.86
C SER A 8 -28.21 6.93 -42.43
N MET A 9 -28.15 6.55 -41.15
CA MET A 9 -27.10 5.67 -40.63
C MET A 9 -27.56 4.20 -40.75
N LYS A 10 -26.67 3.32 -41.19
CA LYS A 10 -26.90 1.85 -41.16
C LYS A 10 -27.26 1.45 -39.74
N THR A 11 -28.25 0.58 -39.57
CA THR A 11 -28.63 0.01 -38.26
C THR A 11 -27.72 -1.18 -38.00
N VAL A 12 -27.08 -1.21 -36.83
CA VAL A 12 -26.37 -2.43 -36.38
C VAL A 12 -27.33 -3.16 -35.42
N GLY A 13 -27.63 -4.42 -35.72
CA GLY A 13 -28.48 -5.26 -34.86
C GLY A 13 -27.64 -5.94 -33.78
N TYR A 14 -27.97 -5.68 -32.52
CA TYR A 14 -27.25 -6.23 -31.35
C TYR A 14 -28.04 -7.34 -30.71
N ALA A 15 -27.36 -8.47 -30.43
CA ALA A 15 -27.82 -9.45 -29.44
C ALA A 15 -27.27 -9.06 -28.06
N ILE A 16 -27.96 -9.44 -26.99
CA ILE A 16 -27.37 -9.38 -25.63
C ILE A 16 -27.45 -10.78 -25.03
N VAL A 17 -26.30 -11.32 -24.64
CA VAL A 17 -26.21 -12.63 -23.94
C VAL A 17 -25.87 -12.34 -22.48
N GLY A 18 -26.83 -12.57 -21.60
CA GLY A 18 -26.77 -12.12 -20.20
C GLY A 18 -27.45 -10.77 -20.02
N THR A 19 -28.67 -10.76 -19.54
CA THR A 19 -29.48 -9.54 -19.31
C THR A 19 -29.86 -9.46 -17.84
N GLY A 20 -28.86 -9.56 -16.96
CA GLY A 20 -29.03 -9.24 -15.53
C GLY A 20 -28.87 -7.76 -15.24
N TYR A 21 -28.35 -7.44 -14.06
CA TYR A 21 -28.06 -6.05 -13.65
C TYR A 21 -27.36 -5.27 -14.76
N PHE A 22 -26.26 -5.80 -15.27
CA PHE A 22 -25.39 -5.04 -16.18
C PHE A 22 -25.87 -5.18 -17.63
N GLY A 23 -26.13 -6.41 -18.10
CA GLY A 23 -26.61 -6.64 -19.49
C GLY A 23 -27.92 -5.92 -19.78
N ALA A 24 -28.89 -5.92 -18.87
CA ALA A 24 -30.19 -5.25 -19.11
C ALA A 24 -29.94 -3.76 -19.30
N GLU A 25 -29.09 -3.16 -18.46
CA GLU A 25 -28.84 -1.71 -18.54
CA GLU A 25 -28.84 -1.70 -18.54
C GLU A 25 -28.03 -1.38 -19.80
N LEU A 26 -27.04 -2.20 -20.18
CA LEU A 26 -26.30 -1.96 -21.44
C LEU A 26 -27.31 -1.98 -22.61
N GLY A 27 -28.27 -2.90 -22.58
CA GLY A 27 -29.35 -2.94 -23.62
C GLY A 27 -30.19 -1.66 -23.65
N ARG A 28 -30.61 -1.17 -22.49
CA ARG A 28 -31.42 0.09 -22.39
C ARG A 28 -30.60 1.20 -23.06
N ILE A 29 -29.30 1.26 -22.75
CA ILE A 29 -28.42 2.36 -23.19
C ILE A 29 -28.20 2.24 -24.71
N MET A 30 -27.86 1.05 -25.18
CA MET A 30 -27.52 0.87 -26.61
C MET A 30 -28.79 1.10 -27.45
N LYS A 31 -29.96 0.70 -26.97
CA LYS A 31 -31.24 0.93 -27.68
C LYS A 31 -31.41 2.43 -27.99
N GLU A 32 -30.94 3.32 -27.11
CA GLU A 32 -31.12 4.80 -27.27
C GLU A 32 -30.11 5.37 -28.25
N GLN A 33 -29.09 4.62 -28.62
CA GLN A 33 -28.01 5.10 -29.53
C GLN A 33 -28.50 5.09 -30.98
N GLU A 34 -28.25 6.16 -31.72
CA GLU A 34 -28.60 6.22 -33.17
C GLU A 34 -27.87 5.10 -33.91
N GLY A 35 -28.58 4.42 -34.81
CA GLY A 35 -27.99 3.41 -35.71
C GLY A 35 -27.77 2.10 -34.98
N ALA A 36 -28.37 1.92 -33.81
CA ALA A 36 -28.31 0.67 -33.03
C ALA A 36 -29.73 0.17 -32.77
N ARG A 37 -29.89 -1.13 -32.86
CA ARG A 37 -31.15 -1.79 -32.46
C ARG A 37 -30.79 -3.01 -31.62
N ILE A 38 -31.51 -3.23 -30.53
CA ILE A 38 -31.46 -4.52 -29.80
C ILE A 38 -32.47 -5.46 -30.44
N VAL A 39 -32.00 -6.53 -31.06
CA VAL A 39 -32.92 -7.40 -31.86
C VAL A 39 -33.29 -8.64 -31.05
N ALA A 40 -32.41 -9.12 -30.18
CA ALA A 40 -32.64 -10.39 -29.45
C ALA A 40 -31.76 -10.49 -28.21
N VAL A 41 -32.25 -11.20 -27.20
CA VAL A 41 -31.51 -11.50 -25.95
C VAL A 41 -31.56 -12.99 -25.68
N LEU A 42 -30.53 -13.47 -25.01
CA LEU A 42 -30.49 -14.86 -24.48
C LEU A 42 -30.11 -14.75 -23.00
N ASP A 43 -31.00 -15.21 -22.15
CA ASP A 43 -30.86 -15.18 -20.68
C ASP A 43 -31.94 -16.08 -20.11
N PRO A 44 -31.59 -17.31 -19.67
CA PRO A 44 -32.57 -18.30 -19.26
C PRO A 44 -33.52 -17.79 -18.18
N GLU A 45 -33.00 -17.06 -17.21
CA GLU A 45 -33.82 -16.58 -16.07
C GLU A 45 -34.54 -15.28 -16.41
N ASN A 46 -33.88 -14.31 -17.06
CA ASN A 46 -34.39 -12.92 -17.10
C ASN A 46 -34.61 -12.44 -18.54
N GLY A 47 -34.36 -13.29 -19.54
CA GLY A 47 -34.48 -12.90 -20.95
C GLY A 47 -35.88 -12.46 -21.33
N GLN A 48 -36.91 -13.22 -20.92
CA GLN A 48 -38.30 -12.91 -21.33
C GLN A 48 -38.64 -11.50 -20.80
N THR A 49 -38.36 -11.24 -19.53
CA THR A 49 -38.66 -9.92 -18.90
C THR A 49 -37.93 -8.81 -19.65
N ILE A 50 -36.63 -8.95 -19.91
CA ILE A 50 -35.85 -7.85 -20.54
C ILE A 50 -36.28 -7.67 -21.99
N ALA A 51 -36.58 -8.75 -22.70
CA ALA A 51 -36.99 -8.67 -24.12
C ALA A 51 -38.33 -7.91 -24.20
N GLU A 52 -39.23 -8.10 -23.24
CA GLU A 52 -40.53 -7.36 -23.20
C GLU A 52 -40.23 -5.88 -22.97
N GLU A 53 -39.29 -5.55 -22.09
CA GLU A 53 -38.93 -4.14 -21.82
C GLU A 53 -38.29 -3.54 -23.09
N LEU A 54 -37.32 -4.23 -23.70
CA LEU A 54 -36.55 -3.67 -24.85
C LEU A 54 -37.32 -3.83 -26.16
N ASP A 55 -38.47 -4.50 -26.15
CA ASP A 55 -39.30 -4.76 -27.35
C ASP A 55 -38.47 -5.55 -28.36
N CYS A 56 -37.88 -6.68 -27.93
CA CYS A 56 -37.06 -7.52 -28.83
C CYS A 56 -37.39 -8.99 -28.63
N ASP A 57 -36.70 -9.84 -29.37
CA ASP A 57 -36.97 -11.31 -29.32
C ASP A 57 -36.16 -11.98 -28.22
N VAL A 58 -36.55 -13.22 -27.88
CA VAL A 58 -35.80 -14.10 -26.96
C VAL A 58 -35.32 -15.29 -27.77
N GLU A 59 -34.04 -15.62 -27.64
CA GLU A 59 -33.48 -16.91 -28.13
C GLU A 59 -32.98 -17.71 -26.94
N THR A 60 -32.82 -19.02 -27.10
CA THR A 60 -32.32 -19.93 -26.04
C THR A 60 -31.04 -20.63 -26.49
N ASP A 61 -30.69 -20.56 -27.76
CA ASP A 61 -29.54 -21.29 -28.32
C ASP A 61 -28.60 -20.29 -28.97
N LEU A 62 -27.33 -20.31 -28.58
CA LEU A 62 -26.32 -19.35 -29.10
C LEU A 62 -26.18 -19.46 -30.61
N ASP A 63 -26.08 -20.66 -31.18
CA ASP A 63 -25.89 -20.80 -32.65
C ASP A 63 -27.12 -20.27 -33.39
N THR A 64 -28.32 -20.52 -32.88
CA THR A 64 -29.58 -20.00 -33.47
C THR A 64 -29.56 -18.47 -33.42
N LEU A 65 -29.25 -17.92 -32.25
CA LEU A 65 -29.20 -16.45 -32.03
C LEU A 65 -28.28 -15.83 -33.08
N TYR A 66 -27.05 -16.34 -33.19
CA TYR A 66 -26.01 -15.68 -34.03
C TYR A 66 -26.29 -15.92 -35.53
N SER A 67 -27.02 -16.97 -35.86
CA SER A 67 -27.39 -17.30 -37.27
C SER A 67 -28.49 -16.35 -37.76
N ARG A 68 -29.16 -15.62 -36.88
CA ARG A 68 -30.20 -14.63 -37.27
C ARG A 68 -29.57 -13.61 -38.21
N GLU A 69 -30.25 -13.30 -39.31
CA GLU A 69 -29.76 -12.32 -40.30
C GLU A 69 -29.61 -10.96 -39.60
N ASP A 70 -30.47 -10.65 -38.63
CA ASP A 70 -30.47 -9.31 -37.99
C ASP A 70 -29.43 -9.20 -36.88
N VAL A 71 -28.75 -10.29 -36.49
CA VAL A 71 -27.71 -10.22 -35.43
C VAL A 71 -26.33 -9.96 -36.07
N GLU A 72 -25.76 -8.78 -35.81
CA GLU A 72 -24.46 -8.36 -36.40
C GLU A 72 -23.41 -8.18 -35.30
N ALA A 73 -23.84 -8.03 -34.07
CA ALA A 73 -22.97 -7.75 -32.93
C ALA A 73 -23.60 -8.39 -31.70
N VAL A 74 -22.80 -8.61 -30.69
CA VAL A 74 -23.29 -9.15 -29.40
C VAL A 74 -22.59 -8.42 -28.24
N ILE A 75 -23.38 -8.09 -27.22
CA ILE A 75 -22.93 -7.66 -25.86
C ILE A 75 -22.98 -8.89 -24.96
N VAL A 76 -21.83 -9.38 -24.55
CA VAL A 76 -21.72 -10.55 -23.63
C VAL A 76 -21.63 -10.05 -22.19
N ALA A 77 -22.69 -10.24 -21.41
CA ALA A 77 -22.76 -9.76 -20.00
C ALA A 77 -23.22 -10.90 -19.09
N THR A 78 -22.83 -12.11 -19.43
CA THR A 78 -22.98 -13.30 -18.56
C THR A 78 -22.08 -13.15 -17.36
N PRO A 79 -22.30 -13.95 -16.31
CA PRO A 79 -21.35 -14.06 -15.20
C PRO A 79 -19.93 -14.38 -15.67
N ASN A 80 -18.97 -14.04 -14.81
CA ASN A 80 -17.53 -13.96 -15.14
C ASN A 80 -17.05 -15.27 -15.73
N TYR A 81 -17.59 -16.41 -15.28
CA TYR A 81 -17.11 -17.75 -15.67
C TYR A 81 -17.80 -18.22 -16.96
N LEU A 82 -18.70 -17.43 -17.55
CA LEU A 82 -19.54 -17.90 -18.68
C LEU A 82 -19.39 -17.00 -19.92
N HIS A 83 -18.19 -16.45 -20.13
CA HIS A 83 -17.94 -15.52 -21.25
C HIS A 83 -17.46 -16.25 -22.50
N LYS A 84 -16.85 -17.42 -22.35
CA LYS A 84 -16.07 -17.97 -23.47
C LYS A 84 -16.98 -18.40 -24.62
N GLU A 85 -17.97 -19.26 -24.33
CA GLU A 85 -18.80 -19.86 -25.42
C GLU A 85 -19.55 -18.74 -26.19
N PRO A 86 -20.15 -17.74 -25.52
CA PRO A 86 -20.84 -16.68 -26.25
C PRO A 86 -19.89 -15.95 -27.20
N VAL A 87 -18.63 -15.77 -26.82
CA VAL A 87 -17.65 -15.03 -27.67
C VAL A 87 -17.24 -15.93 -28.84
N ILE A 88 -16.83 -17.17 -28.53
CA ILE A 88 -16.33 -18.10 -29.57
C ILE A 88 -17.43 -18.29 -30.61
N LYS A 89 -18.66 -18.61 -30.22
CA LYS A 89 -19.74 -18.88 -31.17
C LYS A 89 -20.10 -17.61 -31.94
N ALA A 90 -19.99 -16.42 -31.33
CA ALA A 90 -20.25 -15.17 -32.08
C ALA A 90 -19.24 -15.07 -33.23
N ALA A 91 -17.96 -15.24 -32.91
CA ALA A 91 -16.87 -15.14 -33.89
C ALA A 91 -17.12 -16.15 -35.02
N GLU A 92 -17.57 -17.35 -34.66
CA GLU A 92 -17.78 -18.46 -35.63
C GLU A 92 -18.90 -18.12 -36.61
N HIS A 93 -19.73 -17.14 -36.29
CA HIS A 93 -20.88 -16.66 -37.08
C HIS A 93 -20.59 -15.29 -37.69
N GLY A 94 -19.37 -14.76 -37.56
CA GLY A 94 -18.99 -13.45 -38.10
C GLY A 94 -19.67 -12.31 -37.35
N VAL A 95 -20.04 -12.53 -36.09
CA VAL A 95 -20.73 -11.52 -35.22
C VAL A 95 -19.67 -10.76 -34.44
N ASN A 96 -19.77 -9.42 -34.44
CA ASN A 96 -18.80 -8.56 -33.71
C ASN A 96 -19.11 -8.66 -32.21
N VAL A 97 -18.07 -8.60 -31.37
CA VAL A 97 -18.16 -8.93 -29.94
C VAL A 97 -17.75 -7.73 -29.07
N PHE A 98 -18.60 -7.44 -28.10
CA PHE A 98 -18.26 -6.66 -26.89
C PHE A 98 -18.38 -7.61 -25.71
N CYS A 99 -17.35 -7.72 -24.89
CA CYS A 99 -17.32 -8.68 -23.78
C CYS A 99 -17.04 -7.97 -22.46
N GLU A 100 -17.88 -8.26 -21.46
CA GLU A 100 -17.73 -7.72 -20.11
C GLU A 100 -16.40 -8.17 -19.49
N LYS A 101 -15.92 -7.36 -18.56
CA LYS A 101 -14.81 -7.78 -17.65
C LYS A 101 -15.33 -8.81 -16.65
N PRO A 102 -14.46 -9.61 -16.04
CA PRO A 102 -13.12 -9.90 -16.55
C PRO A 102 -13.35 -10.72 -17.81
N ILE A 103 -12.50 -10.57 -18.82
CA ILE A 103 -12.75 -11.23 -20.13
C ILE A 103 -12.98 -12.71 -19.86
N ALA A 104 -12.12 -13.32 -19.07
CA ALA A 104 -12.27 -14.74 -18.70
C ALA A 104 -11.52 -14.98 -17.39
N LEU A 105 -11.62 -16.19 -16.85
CA LEU A 105 -11.03 -16.52 -15.54
C LEU A 105 -9.74 -17.33 -15.72
N SER A 106 -9.28 -17.53 -16.96
CA SER A 106 -7.95 -18.06 -17.24
C SER A 106 -7.37 -17.34 -18.45
N TYR A 107 -6.05 -17.25 -18.50
CA TYR A 107 -5.35 -16.74 -19.68
C TYR A 107 -5.67 -17.61 -20.90
N GLN A 108 -5.70 -18.94 -20.75
CA GLN A 108 -5.99 -19.85 -21.91
C GLN A 108 -7.33 -19.43 -22.54
N ASP A 109 -8.34 -19.21 -21.72
CA ASP A 109 -9.69 -18.83 -22.21
C ASP A 109 -9.60 -17.48 -22.91
N CYS A 110 -9.05 -16.48 -22.23
CA CYS A 110 -8.93 -15.12 -22.79
C CYS A 110 -8.19 -15.17 -24.13
N ASP A 111 -7.07 -15.85 -24.17
CA ASP A 111 -6.20 -15.90 -25.35
C ASP A 111 -6.97 -16.58 -26.50
N GLU A 112 -7.69 -17.64 -26.21
CA GLU A 112 -8.47 -18.37 -27.22
C GLU A 112 -9.57 -17.44 -27.76
N MET A 113 -10.18 -16.66 -26.89
CA MET A 113 -11.27 -15.74 -27.30
C MET A 113 -10.68 -14.69 -28.25
N VAL A 114 -9.55 -14.10 -27.89
CA VAL A 114 -8.91 -13.05 -28.72
C VAL A 114 -8.52 -13.69 -30.06
N ARG A 115 -7.91 -14.87 -30.01
CA ARG A 115 -7.33 -15.54 -31.22
C ARG A 115 -8.50 -15.89 -32.16
N THR A 116 -9.58 -16.44 -31.63
CA THR A 116 -10.75 -16.88 -32.45
C THR A 116 -11.37 -15.65 -33.10
N CYS A 117 -11.56 -14.53 -32.37
CA CYS A 117 -12.09 -13.30 -32.99
C CYS A 117 -11.15 -12.84 -34.13
N GLN A 118 -9.83 -12.89 -33.95
CA GLN A 118 -8.86 -12.48 -35.00
C GLN A 118 -8.99 -13.43 -36.19
N GLU A 119 -9.09 -14.72 -35.95
CA GLU A 119 -9.22 -15.73 -37.02
C GLU A 119 -10.43 -15.39 -37.90
N HIS A 120 -11.54 -14.97 -37.29
CA HIS A 120 -12.82 -14.77 -37.99
C HIS A 120 -12.97 -13.33 -38.49
N GLY A 121 -11.99 -12.48 -38.20
CA GLY A 121 -12.00 -11.08 -38.65
C GLY A 121 -13.13 -10.30 -38.02
N VAL A 122 -13.53 -10.64 -36.78
CA VAL A 122 -14.58 -9.83 -36.08
C VAL A 122 -13.92 -8.93 -35.02
N ILE A 123 -14.56 -7.82 -34.76
CA ILE A 123 -14.16 -6.88 -33.68
C ILE A 123 -14.38 -7.59 -32.34
N PHE A 124 -13.44 -7.37 -31.42
CA PHE A 124 -13.53 -7.85 -30.03
C PHE A 124 -13.16 -6.68 -29.13
N MET A 125 -14.16 -6.11 -28.47
CA MET A 125 -13.93 -4.97 -27.55
C MET A 125 -13.97 -5.48 -26.12
N ALA A 126 -12.90 -5.25 -25.37
CA ALA A 126 -12.78 -5.62 -23.94
C ALA A 126 -13.49 -4.54 -23.11
N GLY A 127 -14.53 -4.90 -22.34
CA GLY A 127 -15.34 -3.92 -21.60
C GLY A 127 -14.68 -3.45 -20.33
N HIS A 128 -13.44 -2.96 -20.44
CA HIS A 128 -12.66 -2.34 -19.34
C HIS A 128 -13.16 -0.91 -19.14
N VAL A 129 -14.36 -0.78 -18.56
CA VAL A 129 -15.15 0.48 -18.57
C VAL A 129 -14.47 1.57 -17.73
N MET A 130 -13.55 1.22 -16.83
CA MET A 130 -12.86 2.25 -16.02
C MET A 130 -12.08 3.19 -16.94
N ASN A 131 -11.70 2.74 -18.14
CA ASN A 131 -10.97 3.60 -19.11
C ASN A 131 -11.89 4.72 -19.62
N PHE A 132 -13.21 4.64 -19.39
CA PHE A 132 -14.18 5.69 -19.79
C PHE A 132 -14.51 6.65 -18.64
N PHE A 133 -13.95 6.45 -17.45
CA PHE A 133 -14.06 7.45 -16.35
C PHE A 133 -13.43 8.77 -16.84
N HIS A 134 -14.13 9.88 -16.68
CA HIS A 134 -13.57 11.21 -17.01
C HIS A 134 -12.19 11.39 -16.35
N GLY A 135 -12.04 11.01 -15.07
CA GLY A 135 -10.81 11.22 -14.28
C GLY A 135 -9.68 10.33 -14.74
N VAL A 136 -9.98 9.13 -15.25
CA VAL A 136 -8.96 8.23 -15.84
C VAL A 136 -8.51 8.82 -17.18
N ARG A 137 -9.44 9.29 -18.02
CA ARG A 137 -9.06 9.90 -19.31
C ARG A 137 -8.19 11.13 -19.04
N TYR A 138 -8.54 11.90 -18.03
CA TYR A 138 -7.83 13.16 -17.69
C TYR A 138 -6.42 12.80 -17.16
N ALA A 139 -6.33 11.81 -16.28
CA ALA A 139 -5.04 11.32 -15.76
C ALA A 139 -4.15 10.91 -16.94
N LYS A 140 -4.68 10.14 -17.87
CA LYS A 140 -3.89 9.73 -19.06
C LYS A 140 -3.40 10.93 -19.86
N LYS A 141 -4.26 11.94 -20.03
CA LYS A 141 -3.89 13.17 -20.78
C LYS A 141 -2.71 13.87 -20.07
N LEU A 142 -2.82 14.05 -18.75
CA LEU A 142 -1.75 14.66 -17.92
C LEU A 142 -0.47 13.87 -18.11
N ILE A 143 -0.55 12.54 -18.01
CA ILE A 143 0.67 11.69 -18.14
C ILE A 143 1.26 11.86 -19.55
N ASN A 144 0.44 11.71 -20.60
CA ASN A 144 0.86 11.82 -22.03
C ASN A 144 1.45 13.22 -22.27
N ASP A 145 0.97 14.22 -21.57
CA ASP A 145 1.43 15.63 -21.71
C ASP A 145 2.73 15.88 -20.94
N GLY A 146 3.17 14.93 -20.13
CA GLY A 146 4.43 15.00 -19.37
C GLY A 146 4.28 15.73 -18.04
N VAL A 147 3.06 16.06 -17.60
CA VAL A 147 2.84 16.93 -16.41
C VAL A 147 3.50 16.31 -15.17
N ILE A 148 3.41 15.00 -14.97
CA ILE A 148 3.97 14.32 -13.76
C ILE A 148 5.24 13.55 -14.11
N GLY A 149 5.82 13.77 -15.30
CA GLY A 149 7.05 13.07 -15.74
C GLY A 149 6.83 11.59 -15.94
N LYS A 150 7.87 10.79 -15.79
CA LYS A 150 7.79 9.32 -15.98
C LYS A 150 7.06 8.71 -14.79
N VAL A 151 6.07 7.87 -15.04
CA VAL A 151 5.35 7.17 -13.95
C VAL A 151 6.27 6.13 -13.33
N LEU A 152 6.47 6.22 -12.03
CA LEU A 152 7.42 5.37 -11.27
C LEU A 152 6.67 4.26 -10.55
N TYR A 153 5.49 4.61 -10.02
CA TYR A 153 4.78 3.80 -9.01
C TYR A 153 3.30 4.11 -9.07
N CYS A 154 2.49 3.06 -9.15
CA CYS A 154 1.03 3.16 -8.94
C CYS A 154 0.63 2.32 -7.75
N HIS A 155 -0.28 2.85 -6.94
CA HIS A 155 -0.83 2.15 -5.77
C HIS A 155 -2.35 2.20 -5.89
N SER A 156 -2.99 1.03 -5.95
CA SER A 156 -4.44 0.94 -5.96
C SER A 156 -4.92 0.25 -4.70
N ALA A 157 -6.08 0.65 -4.24
CA ALA A 157 -6.82 -0.07 -3.18
C ALA A 157 -8.29 -0.11 -3.55
N ARG A 158 -8.92 -1.18 -3.18
CA ARG A 158 -10.36 -1.33 -3.32
C ARG A 158 -10.80 -2.21 -2.16
N ASN A 159 -10.86 -1.59 -1.00
CA ASN A 159 -10.90 -2.24 0.32
C ASN A 159 -12.16 -1.77 1.04
N GLY A 160 -13.01 -2.70 1.44
CA GLY A 160 -14.15 -2.40 2.30
C GLY A 160 -14.50 -3.54 3.21
N TRP A 161 -15.65 -3.41 3.87
CA TRP A 161 -16.18 -4.41 4.80
C TRP A 161 -17.51 -4.96 4.25
N GLU A 162 -17.54 -6.24 3.96
CA GLU A 162 -18.77 -6.93 3.50
C GLU A 162 -19.23 -7.87 4.61
N GLU A 163 -20.50 -7.78 4.94
CA GLU A 163 -21.19 -8.79 5.80
C GLU A 163 -21.49 -10.03 4.97
N GLN A 164 -21.56 -11.18 5.65
CA GLN A 164 -22.05 -12.44 5.02
C GLN A 164 -23.54 -12.22 4.68
N GLN A 165 -23.95 -12.50 3.45
CA GLN A 165 -25.38 -12.35 3.06
C GLN A 165 -26.13 -13.64 3.41
N PRO A 166 -27.46 -13.57 3.59
CA PRO A 166 -28.25 -14.76 3.94
C PRO A 166 -28.10 -15.85 2.86
N THR A 167 -28.16 -15.43 1.59
CA THR A 167 -27.97 -16.31 0.40
C THR A 167 -26.77 -15.77 -0.39
N ILE A 168 -25.91 -16.67 -0.86
N ILE A 168 -25.91 -16.69 -0.82
CA ILE A 168 -24.59 -16.28 -1.44
CA ILE A 168 -24.64 -16.33 -1.49
C ILE A 168 -24.74 -16.13 -2.97
C ILE A 168 -24.96 -16.02 -2.96
N SER A 169 -24.35 -14.95 -3.46
CA SER A 169 -24.32 -14.57 -4.89
C SER A 169 -23.22 -15.39 -5.57
N TRP A 170 -23.39 -15.66 -6.86
CA TRP A 170 -22.29 -16.18 -7.72
C TRP A 170 -21.06 -15.26 -7.60
N LYS A 171 -21.26 -13.98 -7.28
CA LYS A 171 -20.12 -13.02 -7.23
C LYS A 171 -19.18 -13.35 -6.07
N LYS A 172 -19.63 -14.16 -5.10
CA LYS A 172 -18.82 -14.54 -3.92
C LYS A 172 -18.34 -15.99 -4.04
N ILE A 173 -18.52 -16.61 -5.21
CA ILE A 173 -18.06 -18.01 -5.43
C ILE A 173 -16.86 -17.92 -6.36
N ARG A 174 -15.68 -18.33 -5.90
CA ARG A 174 -14.41 -18.03 -6.62
C ARG A 174 -14.47 -18.65 -8.01
N GLU A 175 -15.01 -19.85 -8.16
CA GLU A 175 -15.02 -20.46 -9.51
C GLU A 175 -15.96 -19.70 -10.46
N LYS A 176 -16.90 -18.92 -9.92
CA LYS A 176 -17.88 -18.20 -10.78
C LYS A 176 -17.43 -16.75 -11.01
N SER A 177 -16.80 -16.11 -10.03
CA SER A 177 -16.41 -14.69 -10.11
C SER A 177 -14.91 -14.50 -10.33
N GLY A 178 -14.09 -15.47 -9.90
CA GLY A 178 -12.63 -15.33 -9.77
C GLY A 178 -12.25 -14.52 -8.55
N GLY A 179 -13.21 -14.19 -7.67
CA GLY A 179 -12.93 -13.41 -6.44
C GLY A 179 -12.53 -11.99 -6.75
N HIS A 180 -12.02 -11.26 -5.76
CA HIS A 180 -11.80 -9.79 -5.89
C HIS A 180 -10.92 -9.49 -7.10
N LEU A 181 -9.86 -10.28 -7.25
CA LEU A 181 -8.84 -9.96 -8.27
C LEU A 181 -9.48 -9.93 -9.66
N TYR A 182 -10.31 -10.90 -10.02
CA TYR A 182 -10.90 -10.92 -11.39
C TYR A 182 -12.19 -10.09 -11.42
N HIS A 183 -13.07 -10.24 -10.44
CA HIS A 183 -14.35 -9.49 -10.45
C HIS A 183 -14.06 -7.99 -10.37
N HIS A 184 -13.07 -7.60 -9.60
CA HIS A 184 -12.63 -6.18 -9.52
C HIS A 184 -11.29 -5.98 -10.23
N ILE A 185 -11.14 -6.56 -11.42
CA ILE A 185 -9.88 -6.41 -12.20
C ILE A 185 -9.68 -4.97 -12.70
N HIS A 186 -10.70 -4.11 -12.62
CA HIS A 186 -10.65 -2.71 -13.07
C HIS A 186 -9.32 -2.06 -12.65
N GLU A 187 -8.96 -2.19 -11.37
CA GLU A 187 -7.78 -1.51 -10.80
C GLU A 187 -6.49 -2.08 -11.42
N LEU A 188 -6.43 -3.39 -11.61
N LEU A 188 -6.43 -3.39 -11.61
CA LEU A 188 -5.24 -4.04 -12.20
CA LEU A 188 -5.24 -4.05 -12.21
C LEU A 188 -5.09 -3.53 -13.64
C LEU A 188 -5.08 -3.53 -13.64
N ASP A 189 -6.18 -3.53 -14.42
CA ASP A 189 -6.15 -3.04 -15.81
C ASP A 189 -5.73 -1.57 -15.82
N CYS A 190 -6.23 -0.77 -14.87
CA CYS A 190 -5.97 0.68 -14.80
C CYS A 190 -4.46 0.90 -14.57
N VAL A 191 -3.89 0.17 -13.62
CA VAL A 191 -2.43 0.28 -13.33
C VAL A 191 -1.65 -0.11 -14.58
N GLN A 192 -2.04 -1.18 -15.28
CA GLN A 192 -1.26 -1.64 -16.44
C GLN A 192 -1.41 -0.61 -17.57
N PHE A 193 -2.58 0.01 -17.75
CA PHE A 193 -2.74 1.11 -18.74
C PHE A 193 -1.75 2.24 -18.38
N LEU A 194 -1.68 2.61 -17.12
CA LEU A 194 -0.89 3.80 -16.72
C LEU A 194 0.60 3.51 -16.77
N MET A 195 1.00 2.25 -16.63
N MET A 195 1.00 2.25 -16.62
CA MET A 195 2.43 1.85 -16.56
CA MET A 195 2.42 1.84 -16.55
C MET A 195 2.86 1.14 -17.85
C MET A 195 2.87 1.16 -17.85
N GLY A 196 2.00 1.09 -18.87
CA GLY A 196 2.39 0.71 -20.24
C GLY A 196 2.43 -0.78 -20.49
N GLY A 197 1.72 -1.58 -19.71
CA GLY A 197 1.55 -3.01 -20.01
C GLY A 197 1.63 -3.89 -18.77
N MET A 198 2.06 -5.14 -18.96
CA MET A 198 2.23 -6.12 -17.88
C MET A 198 3.49 -5.81 -17.10
N PRO A 199 3.55 -6.20 -15.81
CA PRO A 199 4.81 -6.22 -15.05
C PRO A 199 5.63 -7.45 -15.45
N GLU A 200 6.91 -7.48 -15.05
CA GLU A 200 7.81 -8.65 -15.25
C GLU A 200 7.53 -9.73 -14.20
N GLU A 201 7.21 -9.35 -12.97
CA GLU A 201 7.16 -10.26 -11.82
C GLU A 201 6.10 -9.76 -10.83
N VAL A 202 5.37 -10.68 -10.21
CA VAL A 202 4.32 -10.32 -9.21
C VAL A 202 4.47 -11.23 -7.99
N THR A 203 4.02 -10.71 -6.86
CA THR A 203 3.79 -11.46 -5.61
C THR A 203 2.38 -11.11 -5.14
N MET A 204 1.58 -12.11 -4.80
CA MET A 204 0.29 -11.83 -4.14
C MET A 204 0.18 -12.66 -2.86
N THR A 205 -0.20 -11.99 -1.79
CA THR A 205 -0.47 -12.62 -0.48
C THR A 205 -1.90 -12.30 -0.09
N GLY A 206 -2.39 -12.98 0.93
CA GLY A 206 -3.76 -12.76 1.40
C GLY A 206 -4.39 -14.03 1.86
N GLY A 207 -5.66 -13.92 2.19
CA GLY A 207 -6.36 -15.07 2.78
C GLY A 207 -7.82 -14.75 2.99
N ASN A 208 -8.54 -15.68 3.56
CA ASN A 208 -9.90 -15.49 4.10
C ASN A 208 -9.69 -15.28 5.59
N VAL A 209 -9.59 -14.02 5.99
CA VAL A 209 -9.18 -13.65 7.38
C VAL A 209 -10.39 -13.45 8.29
N ALA A 210 -11.58 -13.12 7.76
CA ALA A 210 -12.74 -12.70 8.59
C ALA A 210 -14.07 -13.21 8.01
N HIS A 211 -14.03 -14.12 7.01
CA HIS A 211 -15.23 -14.70 6.38
C HIS A 211 -15.17 -16.23 6.45
N GLN A 212 -14.81 -16.76 7.62
CA GLN A 212 -14.69 -18.23 7.79
C GLN A 212 -16.04 -18.91 7.51
N GLY A 213 -17.15 -18.20 7.74
CA GLY A 213 -18.50 -18.77 7.53
C GLY A 213 -18.79 -18.95 6.06
N GLU A 214 -18.02 -18.28 5.20
CA GLU A 214 -18.16 -18.36 3.71
C GLU A 214 -16.93 -19.05 3.12
N ALA A 215 -16.18 -19.87 3.89
CA ALA A 215 -14.98 -20.58 3.38
C ALA A 215 -15.38 -21.42 2.15
N PHE A 216 -16.63 -21.89 2.10
CA PHE A 216 -17.08 -22.71 0.94
C PHE A 216 -16.94 -21.91 -0.36
N GLY A 217 -17.01 -20.58 -0.32
CA GLY A 217 -16.84 -19.76 -1.54
C GLY A 217 -15.42 -19.76 -2.06
N ASP A 218 -14.45 -20.15 -1.24
CA ASP A 218 -13.03 -20.32 -1.59
C ASP A 218 -12.41 -18.98 -2.02
N GLU A 219 -12.92 -17.88 -1.48
CA GLU A 219 -12.41 -16.52 -1.83
C GLU A 219 -11.63 -15.92 -0.67
N ASP A 220 -10.52 -15.28 -1.01
CA ASP A 220 -9.79 -14.39 -0.10
C ASP A 220 -10.63 -13.12 0.16
N ASP A 221 -10.60 -12.60 1.38
CA ASP A 221 -11.23 -11.30 1.70
C ASP A 221 -10.15 -10.23 1.87
N MET A 222 -8.88 -10.60 1.78
CA MET A 222 -7.75 -9.63 1.72
C MET A 222 -6.77 -10.12 0.67
N LEU A 223 -6.34 -9.24 -0.23
N LEU A 223 -6.34 -9.24 -0.24
CA LEU A 223 -5.35 -9.56 -1.29
CA LEU A 223 -5.36 -9.56 -1.31
C LEU A 223 -4.38 -8.39 -1.43
C LEU A 223 -4.39 -8.40 -1.43
N PHE A 224 -3.10 -8.70 -1.43
CA PHE A 224 -2.05 -7.68 -1.51
C PHE A 224 -1.06 -8.08 -2.60
N VAL A 225 -0.96 -7.24 -3.63
CA VAL A 225 -0.14 -7.53 -4.83
C VAL A 225 1.05 -6.57 -4.86
N ASN A 226 2.21 -7.13 -5.17
N ASN A 226 2.25 -7.12 -5.06
CA ASN A 226 3.48 -6.39 -5.29
CA ASN A 226 3.48 -6.34 -5.33
C ASN A 226 4.01 -6.65 -6.70
C ASN A 226 3.94 -6.64 -6.74
N MET A 227 3.98 -5.64 -7.59
N MET A 227 3.98 -5.62 -7.61
CA MET A 227 4.34 -5.77 -9.02
CA MET A 227 4.35 -5.81 -9.03
C MET A 227 5.68 -5.10 -9.28
C MET A 227 5.66 -5.08 -9.31
N GLN A 228 6.50 -5.73 -10.10
CA GLN A 228 7.81 -5.20 -10.52
C GLN A 228 7.75 -5.06 -12.03
N PHE A 229 7.87 -3.82 -12.50
CA PHE A 229 7.86 -3.47 -13.93
C PHE A 229 9.29 -3.31 -14.42
N SER A 230 9.44 -3.44 -15.72
CA SER A 230 10.72 -3.18 -16.42
C SER A 230 11.19 -1.78 -16.08
N ASP A 231 12.50 -1.60 -16.09
CA ASP A 231 13.17 -0.29 -15.92
C ASP A 231 12.80 0.34 -14.57
N ASN A 232 12.78 -0.47 -13.51
CA ASN A 232 12.87 0.02 -12.11
C ASN A 232 11.61 0.81 -11.77
N ARG A 233 10.43 0.19 -11.99
CA ARG A 233 9.11 0.78 -11.71
C ARG A 233 8.27 -0.26 -10.96
N TYR A 234 7.28 0.18 -10.19
CA TYR A 234 6.65 -0.72 -9.16
C TYR A 234 5.16 -0.42 -9.08
N ALA A 235 4.39 -1.36 -8.53
CA ALA A 235 2.98 -1.11 -8.17
C ALA A 235 2.62 -1.94 -6.96
N VAL A 236 1.71 -1.39 -6.18
CA VAL A 236 1.11 -2.12 -5.03
C VAL A 236 -0.38 -2.05 -5.28
N LEU A 237 -1.07 -3.18 -5.15
CA LEU A 237 -2.53 -3.23 -5.35
C LEU A 237 -3.15 -4.01 -4.21
N GLU A 238 -4.13 -3.38 -3.58
CA GLU A 238 -4.86 -4.00 -2.45
C GLU A 238 -6.31 -4.21 -2.86
N TRP A 239 -6.90 -5.31 -2.42
CA TRP A 239 -8.35 -5.55 -2.58
C TRP A 239 -8.88 -6.23 -1.32
N GLY A 240 -10.16 -6.01 -1.05
CA GLY A 240 -10.91 -7.03 -0.31
C GLY A 240 -12.10 -6.50 0.47
N SER A 241 -12.63 -7.39 1.30
CA SER A 241 -13.96 -7.25 1.96
C SER A 241 -13.83 -7.43 3.47
N ALA A 242 -12.63 -7.34 4.05
CA ALA A 242 -12.43 -7.44 5.51
C ALA A 242 -11.73 -6.20 6.08
N PHE A 243 -11.92 -5.04 5.47
CA PHE A 243 -11.25 -3.77 5.84
C PHE A 243 -12.28 -2.80 6.45
N HIS A 244 -12.15 -2.53 7.74
CA HIS A 244 -12.97 -1.55 8.48
C HIS A 244 -12.44 -0.14 8.23
N TRP A 245 -11.33 0.05 7.52
CA TRP A 245 -10.95 1.40 7.01
C TRP A 245 -11.13 1.41 5.50
N PRO A 246 -12.28 1.88 4.99
CA PRO A 246 -12.57 1.79 3.56
C PRO A 246 -11.66 2.71 2.74
N GLU A 247 -11.19 2.18 1.64
CA GLU A 247 -10.35 2.91 0.68
C GLU A 247 -10.68 2.40 -0.73
N HIS A 248 -10.84 3.32 -1.68
CA HIS A 248 -10.98 2.94 -3.10
C HIS A 248 -10.36 4.04 -3.93
N TYR A 249 -9.17 3.79 -4.44
CA TYR A 249 -8.44 4.84 -5.19
C TYR A 249 -7.37 4.22 -6.06
N VAL A 250 -6.88 5.02 -7.00
CA VAL A 250 -5.65 4.74 -7.76
C VAL A 250 -4.77 5.97 -7.59
N LEU A 251 -3.54 5.75 -7.12
CA LEU A 251 -2.55 6.80 -6.84
C LEU A 251 -1.41 6.60 -7.81
N ILE A 252 -1.07 7.64 -8.56
CA ILE A 252 -0.04 7.58 -9.63
C ILE A 252 1.09 8.55 -9.27
N GLN A 253 2.32 8.06 -9.21
CA GLN A 253 3.47 8.86 -8.72
C GLN A 253 4.55 8.82 -9.78
N GLY A 254 4.95 10.01 -10.20
CA GLY A 254 5.94 10.15 -11.28
C GLY A 254 7.12 10.97 -10.83
N THR A 255 8.04 11.22 -11.75
CA THR A 255 9.27 11.97 -11.43
C THR A 255 8.96 13.41 -11.08
N LYS A 256 7.86 13.98 -11.59
CA LYS A 256 7.61 15.43 -11.43
C LYS A 256 6.38 15.72 -10.56
N GLY A 257 5.47 14.77 -10.38
CA GLY A 257 4.32 14.98 -9.47
C GLY A 257 3.48 13.75 -9.31
N ALA A 258 2.24 13.91 -8.85
CA ALA A 258 1.40 12.75 -8.53
C ALA A 258 -0.06 13.07 -8.82
N ILE A 259 -0.84 12.01 -9.08
CA ILE A 259 -2.28 12.10 -9.40
C ILE A 259 -2.98 11.07 -8.54
N LYS A 260 -4.03 11.48 -7.84
CA LYS A 260 -4.91 10.53 -7.13
C LYS A 260 -6.30 10.56 -7.74
N ILE A 261 -6.82 9.37 -8.04
CA ILE A 261 -8.22 9.18 -8.48
C ILE A 261 -8.92 8.49 -7.32
N ASP A 262 -9.68 9.25 -6.54
CA ASP A 262 -10.34 8.73 -5.32
C ASP A 262 -11.79 8.41 -5.70
N MET A 263 -12.19 7.16 -5.47
CA MET A 263 -13.55 6.65 -5.74
C MET A 263 -14.38 6.49 -4.46
N CYS A 264 -13.83 6.86 -3.31
N CYS A 264 -13.81 6.80 -3.29
CA CYS A 264 -14.54 6.74 -2.02
CA CYS A 264 -14.51 6.76 -1.98
C CYS A 264 -14.93 8.15 -1.54
C CYS A 264 -14.94 8.16 -1.58
N ASP A 265 -13.94 8.99 -1.28
CA ASP A 265 -14.09 10.46 -1.10
C ASP A 265 -13.90 11.01 -2.50
N CYS A 266 -14.94 10.96 -3.32
CA CYS A 266 -14.79 10.91 -4.81
C CYS A 266 -14.22 12.25 -5.33
N GLY A 267 -13.10 12.17 -6.02
CA GLY A 267 -12.47 13.34 -6.65
C GLY A 267 -11.05 13.03 -7.06
N GLY A 268 -10.57 13.80 -8.02
CA GLY A 268 -9.18 13.71 -8.50
C GLY A 268 -8.34 14.81 -7.92
N THR A 269 -7.09 14.50 -7.66
CA THR A 269 -6.08 15.49 -7.20
C THR A 269 -4.83 15.35 -8.05
N LEU A 270 -4.34 16.48 -8.51
CA LEU A 270 -3.00 16.63 -9.12
C LEU A 270 -2.11 17.39 -8.12
N LYS A 271 -0.96 16.81 -7.78
CA LYS A 271 0.06 17.48 -6.96
C LYS A 271 1.26 17.69 -7.86
N VAL A 272 1.62 18.93 -8.14
CA VAL A 272 2.84 19.20 -8.93
C VAL A 272 3.35 20.58 -8.53
N ASP A 273 4.67 20.72 -8.43
CA ASP A 273 5.38 22.02 -8.29
C ASP A 273 4.77 22.85 -7.17
N GLY A 274 4.44 22.18 -6.08
CA GLY A 274 3.97 22.78 -4.82
C GLY A 274 2.52 23.21 -4.83
N ARG A 275 1.73 22.87 -5.84
CA ARG A 275 0.29 23.19 -5.88
C ARG A 275 -0.51 21.90 -5.92
N GLU A 276 -1.78 21.97 -5.52
CA GLU A 276 -2.77 20.89 -5.78
C GLU A 276 -3.84 21.45 -6.68
N GLU A 277 -4.33 20.64 -7.60
CA GLU A 277 -5.54 20.95 -8.41
C GLU A 277 -6.56 19.83 -8.22
N HIS A 278 -7.84 20.17 -8.15
CA HIS A 278 -8.96 19.20 -8.13
C HIS A 278 -9.47 19.01 -9.57
N PHE A 279 -9.84 17.77 -9.90
CA PHE A 279 -10.55 17.44 -11.15
C PHE A 279 -11.62 16.41 -10.80
N LEU A 280 -12.53 16.22 -11.73
CA LEU A 280 -13.67 15.30 -11.54
C LEU A 280 -13.25 13.89 -11.94
N VAL A 281 -13.69 12.92 -11.17
CA VAL A 281 -13.54 11.50 -11.57
C VAL A 281 -14.62 11.19 -12.61
N HIS A 282 -15.86 11.65 -12.36
CA HIS A 282 -17.01 11.32 -13.23
C HIS A 282 -17.43 12.56 -14.04
N GLU A 283 -18.66 12.61 -14.53
CA GLU A 283 -19.01 13.56 -15.62
C GLU A 283 -19.36 14.93 -15.07
N SER A 284 -19.57 15.03 -13.78
CA SER A 284 -20.00 16.29 -13.13
C SER A 284 -19.65 16.21 -11.65
N GLN A 285 -19.60 17.36 -10.99
CA GLN A 285 -19.39 17.37 -9.53
C GLN A 285 -20.53 16.58 -8.87
N GLU A 286 -21.76 16.69 -9.38
CA GLU A 286 -22.93 15.94 -8.85
C GLU A 286 -22.66 14.44 -8.95
N GLU A 287 -22.03 13.96 -10.02
CA GLU A 287 -21.78 12.50 -10.15
C GLU A 287 -20.75 12.07 -9.10
N ASP A 288 -19.68 12.85 -8.93
CA ASP A 288 -18.65 12.55 -7.90
C ASP A 288 -19.33 12.53 -6.52
N ASP A 289 -20.11 13.56 -6.22
CA ASP A 289 -20.69 13.72 -4.85
C ASP A 289 -21.68 12.59 -4.60
N ASP A 290 -22.43 12.17 -5.63
CA ASP A 290 -23.36 11.03 -5.54
C ASP A 290 -22.57 9.76 -5.21
N ARG A 291 -21.43 9.54 -5.86
CA ARG A 291 -20.58 8.36 -5.57
C ARG A 291 -20.12 8.39 -4.10
N THR A 292 -19.68 9.55 -3.62
CA THR A 292 -19.27 9.75 -2.21
C THR A 292 -20.44 9.34 -1.27
N ARG A 293 -21.66 9.79 -1.59
CA ARG A 293 -22.88 9.46 -0.83
C ARG A 293 -23.05 7.94 -0.83
N ILE A 294 -22.87 7.29 -1.98
CA ILE A 294 -23.06 5.83 -2.07
C ILE A 294 -22.05 5.12 -1.16
N TYR A 295 -20.79 5.55 -1.14
CA TYR A 295 -19.75 4.90 -0.31
C TYR A 295 -20.06 5.11 1.18
N HIS A 296 -20.60 6.26 1.57
CA HIS A 296 -20.96 6.54 2.99
C HIS A 296 -22.09 5.60 3.39
N GLY A 297 -23.03 5.32 2.47
CA GLY A 297 -24.17 4.44 2.75
C GLY A 297 -23.77 2.98 2.87
N THR A 298 -22.67 2.57 2.24
CA THR A 298 -22.27 1.14 2.15
C THR A 298 -21.05 0.87 3.05
N GLU A 299 -20.57 1.86 3.82
CA GLU A 299 -19.33 1.68 4.62
C GLU A 299 -19.48 0.47 5.57
N MET A 300 -20.63 0.27 6.21
CA MET A 300 -20.78 -0.83 7.20
C MET A 300 -21.09 -2.16 6.48
N ASP A 301 -21.45 -2.14 5.20
CA ASP A 301 -21.65 -3.39 4.41
C ASP A 301 -21.59 -3.10 2.91
N GLY A 302 -20.41 -3.31 2.30
CA GLY A 302 -20.14 -3.12 0.86
C GLY A 302 -20.91 -4.11 0.01
N ALA A 303 -21.46 -5.18 0.58
CA ALA A 303 -22.19 -6.23 -0.17
C ALA A 303 -23.32 -5.58 -0.97
N ILE A 304 -23.91 -4.50 -0.45
CA ILE A 304 -25.07 -3.86 -1.13
C ILE A 304 -24.62 -3.18 -2.43
N MET A 305 -23.32 -2.94 -2.66
CA MET A 305 -22.91 -2.30 -3.93
C MET A 305 -22.97 -3.30 -5.10
N TYR A 306 -22.96 -4.62 -4.86
CA TYR A 306 -23.01 -5.64 -5.93
C TYR A 306 -24.37 -5.57 -6.66
N GLY A 307 -24.35 -5.37 -7.97
CA GLY A 307 -25.57 -5.48 -8.80
C GLY A 307 -26.20 -6.86 -8.75
N LYS A 308 -27.51 -6.90 -8.91
CA LYS A 308 -28.25 -8.16 -9.15
C LYS A 308 -29.47 -7.82 -10.02
N PRO A 309 -30.07 -8.80 -10.70
CA PRO A 309 -31.19 -8.52 -11.60
C PRO A 309 -32.28 -7.71 -10.88
N GLY A 310 -32.79 -6.69 -11.57
CA GLY A 310 -33.86 -5.81 -11.09
C GLY A 310 -33.29 -4.51 -10.56
N LYS A 311 -31.99 -4.47 -10.21
CA LYS A 311 -31.32 -3.26 -9.68
C LYS A 311 -30.80 -2.45 -10.86
N LYS A 312 -30.68 -1.12 -10.70
CA LYS A 312 -30.17 -0.22 -11.76
CA LYS A 312 -30.17 -0.22 -11.76
C LYS A 312 -28.80 0.30 -11.35
N PRO A 313 -27.82 0.39 -12.27
CA PRO A 313 -26.55 1.01 -11.92
C PRO A 313 -26.76 2.45 -11.45
N PRO A 314 -25.90 2.93 -10.52
CA PRO A 314 -25.96 4.32 -10.10
C PRO A 314 -25.53 5.29 -11.21
N MET A 315 -25.73 6.58 -10.94
CA MET A 315 -25.56 7.64 -11.93
C MET A 315 -24.17 7.56 -12.58
N TRP A 316 -23.07 7.53 -11.80
CA TRP A 316 -21.71 7.52 -12.40
C TRP A 316 -21.53 6.32 -13.31
N LEU A 317 -22.12 5.19 -12.97
CA LEU A 317 -21.87 3.94 -13.73
C LEU A 317 -22.71 3.98 -15.00
N HIS A 318 -23.98 4.42 -14.90
CA HIS A 318 -24.85 4.65 -16.08
C HIS A 318 -24.09 5.53 -17.07
N SER A 319 -23.46 6.60 -16.60
CA SER A 319 -22.76 7.58 -17.46
C SER A 319 -21.59 6.92 -18.20
N ILE A 320 -20.75 6.15 -17.52
CA ILE A 320 -19.59 5.53 -18.22
C ILE A 320 -20.06 4.40 -19.14
N MET A 321 -21.15 3.73 -18.78
CA MET A 321 -21.76 2.69 -19.66
C MET A 321 -22.23 3.39 -20.95
N LYS A 322 -22.83 4.58 -20.86
CA LYS A 322 -23.24 5.35 -22.05
C LYS A 322 -21.98 5.68 -22.86
N ASN A 323 -20.93 6.20 -22.23
CA ASN A 323 -19.67 6.52 -22.94
C ASN A 323 -19.16 5.29 -23.70
N GLU A 324 -19.18 4.15 -23.04
CA GLU A 324 -18.57 2.92 -23.57
C GLU A 324 -19.46 2.38 -24.72
N MET A 325 -20.77 2.41 -24.53
CA MET A 325 -21.71 1.90 -25.56
C MET A 325 -21.68 2.84 -26.78
N LYS A 326 -21.59 4.14 -26.57
CA LYS A 326 -21.42 5.09 -27.71
C LYS A 326 -20.11 4.77 -28.44
N TYR A 327 -19.02 4.52 -27.71
CA TYR A 327 -17.73 4.19 -28.34
C TYR A 327 -17.88 2.94 -29.19
N LEU A 328 -18.48 1.89 -28.62
CA LEU A 328 -18.64 0.57 -29.30
C LEU A 328 -19.48 0.78 -30.57
N ASN A 329 -20.59 1.49 -30.45
CA ASN A 329 -21.53 1.70 -31.57
C ASN A 329 -20.78 2.44 -32.69
N GLY A 330 -19.95 3.40 -32.34
CA GLY A 330 -19.15 4.13 -33.35
C GLY A 330 -18.21 3.23 -34.10
N ILE A 331 -17.50 2.36 -33.38
CA ILE A 331 -16.52 1.41 -33.96
C ILE A 331 -17.27 0.54 -34.95
N LEU A 332 -18.48 0.11 -34.59
CA LEU A 332 -19.27 -0.82 -35.44
C LEU A 332 -19.94 -0.08 -36.61
N HIS A 333 -19.87 1.24 -36.63
CA HIS A 333 -20.30 2.08 -37.79
C HIS A 333 -19.07 2.66 -38.49
N GLY A 334 -17.89 2.07 -38.24
CA GLY A 334 -16.65 2.33 -39.00
C GLY A 334 -15.88 3.55 -38.55
N LYS A 335 -16.12 4.08 -37.34
CA LYS A 335 -15.27 5.15 -36.77
C LYS A 335 -13.90 4.56 -36.47
N GLU A 336 -12.84 5.32 -36.71
CA GLU A 336 -11.46 4.84 -36.47
C GLU A 336 -11.23 4.79 -34.95
N VAL A 337 -10.57 3.73 -34.50
CA VAL A 337 -10.25 3.54 -33.06
C VAL A 337 -9.12 4.50 -32.71
N ASP A 338 -9.35 5.32 -31.67
CA ASP A 338 -8.34 6.24 -31.10
C ASP A 338 -7.20 5.41 -30.50
N ASP A 339 -6.00 5.96 -30.50
CA ASP A 339 -4.83 5.34 -29.81
C ASP A 339 -5.25 5.02 -28.37
N GLU A 340 -5.99 5.92 -27.72
CA GLU A 340 -6.31 5.80 -26.27
C GLU A 340 -7.01 4.47 -26.01
N PHE A 341 -7.90 4.06 -26.90
CA PHE A 341 -8.77 2.89 -26.66
C PHE A 341 -8.32 1.68 -27.47
N ARG A 342 -7.30 1.86 -28.30
CA ARG A 342 -6.87 0.78 -29.23
C ARG A 342 -6.55 -0.51 -28.46
N PRO A 343 -5.87 -0.47 -27.29
CA PRO A 343 -5.59 -1.71 -26.57
C PRO A 343 -6.84 -2.49 -26.13
N LEU A 344 -8.01 -1.85 -26.08
CA LEU A 344 -9.30 -2.56 -25.81
C LEU A 344 -9.79 -3.32 -27.05
N LEU A 345 -9.22 -3.08 -28.22
CA LEU A 345 -9.65 -3.70 -29.51
C LEU A 345 -8.58 -4.67 -30.00
N THR A 346 -7.30 -4.51 -29.63
CA THR A 346 -6.21 -5.35 -30.19
C THR A 346 -6.13 -6.69 -29.50
N GLY A 347 -6.74 -6.82 -28.32
CA GLY A 347 -6.57 -7.99 -27.42
C GLY A 347 -5.52 -7.70 -26.38
N GLU A 348 -4.74 -6.65 -26.52
CA GLU A 348 -3.54 -6.46 -25.69
C GLU A 348 -3.98 -6.20 -24.25
N ALA A 349 -4.97 -5.36 -23.97
CA ALA A 349 -5.37 -5.06 -22.55
C ALA A 349 -6.09 -6.27 -21.95
N ALA A 350 -6.90 -6.97 -22.74
CA ALA A 350 -7.56 -8.23 -22.31
C ALA A 350 -6.51 -9.25 -21.89
N ARG A 351 -5.58 -9.59 -22.76
CA ARG A 351 -4.53 -10.59 -22.44
C ARG A 351 -3.70 -10.12 -21.24
N ALA A 352 -3.31 -8.85 -21.20
CA ALA A 352 -2.44 -8.33 -20.13
C ALA A 352 -3.17 -8.48 -18.78
N ALA A 353 -4.43 -8.08 -18.72
CA ALA A 353 -5.19 -8.14 -17.45
C ALA A 353 -5.29 -9.57 -16.94
N ILE A 354 -5.70 -10.51 -17.79
CA ILE A 354 -5.90 -11.92 -17.36
C ILE A 354 -4.53 -12.58 -17.12
N ALA A 355 -3.53 -12.33 -17.98
CA ALA A 355 -2.18 -12.92 -17.76
C ALA A 355 -1.69 -12.54 -16.36
N THR A 356 -1.73 -11.26 -16.04
CA THR A 356 -1.22 -10.79 -14.72
C THR A 356 -2.08 -11.38 -13.59
N ALA A 357 -3.40 -11.40 -13.74
CA ALA A 357 -4.30 -11.97 -12.73
C ALA A 357 -3.94 -13.45 -12.49
N ASP A 358 -3.68 -14.22 -13.57
CA ASP A 358 -3.31 -15.65 -13.44
C ASP A 358 -1.97 -15.78 -12.70
N ALA A 359 -1.01 -14.90 -12.99
CA ALA A 359 0.33 -14.92 -12.36
C ALA A 359 0.16 -14.62 -10.86
N CYS A 360 -0.62 -13.58 -10.51
CA CYS A 360 -0.95 -13.24 -9.10
C CYS A 360 -1.60 -14.45 -8.40
N THR A 361 -2.58 -15.06 -9.03
CA THR A 361 -3.29 -16.24 -8.47
C THR A 361 -2.27 -17.34 -8.17
N LYS A 362 -1.42 -17.67 -9.14
CA LYS A 362 -0.40 -18.72 -8.98
C LYS A 362 0.54 -18.34 -7.83
N SER A 363 0.94 -17.07 -7.74
CA SER A 363 1.82 -16.59 -6.67
C SER A 363 1.19 -16.85 -5.28
N ARG A 364 -0.08 -16.55 -5.16
CA ARG A 364 -0.82 -16.65 -3.88
C ARG A 364 -0.95 -18.16 -3.51
N PHE A 365 -1.32 -19.00 -4.47
N PHE A 365 -1.33 -19.01 -4.47
CA PHE A 365 -1.61 -20.43 -4.18
CA PHE A 365 -1.60 -20.45 -4.23
C PHE A 365 -0.29 -21.20 -3.96
C PHE A 365 -0.29 -21.20 -3.95
N GLU A 366 0.79 -20.82 -4.63
CA GLU A 366 2.08 -21.54 -4.54
C GLU A 366 2.98 -20.87 -3.50
N ASP A 367 2.54 -19.76 -2.95
CA ASP A 367 3.24 -19.00 -1.90
C ASP A 367 4.63 -18.56 -2.37
N ARG A 368 4.74 -18.06 -3.60
CA ARG A 368 6.05 -17.66 -4.13
C ARG A 368 5.84 -16.52 -5.11
N LYS A 369 6.92 -15.82 -5.41
CA LYS A 369 6.96 -14.83 -6.50
C LYS A 369 6.86 -15.53 -7.85
N VAL A 370 6.11 -14.94 -8.76
CA VAL A 370 5.85 -15.52 -10.11
C VAL A 370 6.24 -14.52 -11.19
N LYS A 371 7.04 -14.96 -12.16
CA LYS A 371 7.37 -14.15 -13.37
C LYS A 371 6.22 -14.28 -14.40
N LEU A 372 5.87 -13.19 -15.07
CA LEU A 372 4.83 -13.21 -16.14
C LEU A 372 5.23 -14.19 -17.25
N SER A 373 6.52 -14.43 -17.45
CA SER A 373 7.00 -15.44 -18.43
C SER A 373 6.43 -16.82 -18.11
N GLU A 374 6.10 -17.13 -16.86
CA GLU A 374 5.48 -18.45 -16.54
C GLU A 374 4.13 -18.57 -17.25
N ILE A 375 3.44 -17.45 -17.44
CA ILE A 375 2.09 -17.42 -18.05
C ILE A 375 2.19 -17.25 -19.55
N ILE A 376 3.03 -16.32 -20.02
CA ILE A 376 3.01 -15.81 -21.42
C ILE A 376 4.20 -16.36 -22.23
N GLY A 377 5.20 -16.99 -21.60
CA GLY A 377 6.44 -17.46 -22.23
C GLY A 377 7.50 -16.37 -22.44
N GLU A 378 8.58 -16.70 -23.16
CA GLU A 378 9.76 -15.81 -23.35
C GLU A 378 9.64 -14.99 -24.64
N GLY A 379 8.45 -14.92 -25.27
CA GLY A 379 8.19 -14.05 -26.44
C GLY A 379 8.93 -14.53 -27.68
N ALA B 2 11.25 15.39 45.86
CA ALA B 2 10.71 15.60 47.25
C ALA B 2 11.62 14.92 48.30
N MET B 3 11.45 15.27 49.56
CA MET B 3 12.30 14.73 50.66
C MET B 3 12.22 13.20 50.66
N ALA B 4 11.06 12.65 50.30
CA ALA B 4 10.81 11.19 50.36
C ALA B 4 11.70 10.47 49.34
N ASP B 5 12.28 11.17 48.37
CA ASP B 5 13.11 10.51 47.31
C ASP B 5 14.46 10.04 47.85
N ILE B 6 14.94 10.49 49.01
CA ILE B 6 16.28 10.04 49.49
C ILE B 6 16.27 8.52 49.60
N GLY B 7 17.36 7.88 49.16
CA GLY B 7 17.40 6.41 49.01
C GLY B 7 17.31 6.03 47.55
N SER B 8 16.73 6.90 46.73
CA SER B 8 16.41 6.63 45.30
C SER B 8 17.11 7.62 44.37
N MET B 9 17.88 8.58 44.90
N MET B 9 17.91 8.56 44.93
CA MET B 9 18.40 9.70 44.07
CA MET B 9 18.40 9.76 44.21
C MET B 9 19.92 9.65 44.04
C MET B 9 19.93 9.66 44.02
N LYS B 10 20.49 8.46 43.85
CA LYS B 10 21.92 8.32 43.47
C LYS B 10 22.08 9.05 42.12
N THR B 11 23.26 9.58 41.86
CA THR B 11 23.62 10.16 40.57
C THR B 11 24.14 9.03 39.68
N VAL B 12 23.49 8.80 38.54
CA VAL B 12 24.03 7.86 37.53
C VAL B 12 24.88 8.65 36.54
N GLY B 13 26.11 8.21 36.33
CA GLY B 13 27.09 8.86 35.44
C GLY B 13 26.95 8.28 34.05
N TYR B 14 26.61 9.14 33.08
CA TYR B 14 26.41 8.73 31.68
C TYR B 14 27.56 9.17 30.80
N ALA B 15 28.03 8.27 29.97
CA ALA B 15 28.82 8.63 28.78
C ALA B 15 27.87 8.84 27.59
N ILE B 16 28.26 9.67 26.62
CA ILE B 16 27.58 9.69 25.29
C ILE B 16 28.62 9.41 24.22
N VAL B 17 28.37 8.37 23.42
CA VAL B 17 29.24 8.03 22.26
C VAL B 17 28.44 8.39 21.02
N GLY B 18 28.90 9.42 20.32
CA GLY B 18 28.16 10.05 19.21
C GLY B 18 27.36 11.21 19.72
N THR B 19 27.89 12.42 19.57
CA THR B 19 27.21 13.65 20.03
C THR B 19 26.98 14.57 18.83
N GLY B 20 26.29 14.04 17.82
CA GLY B 20 25.79 14.86 16.71
C GLY B 20 24.39 15.36 16.97
N TYR B 21 23.57 15.48 15.92
CA TYR B 21 22.17 15.96 16.02
C TYR B 21 21.47 15.30 17.19
N PHE B 22 21.43 13.96 17.22
CA PHE B 22 20.59 13.24 18.19
C PHE B 22 21.34 13.05 19.53
N GLY B 23 22.61 12.63 19.51
CA GLY B 23 23.39 12.42 20.73
C GLY B 23 23.56 13.70 21.56
N ALA B 24 23.81 14.83 20.92
CA ALA B 24 23.97 16.11 21.67
C ALA B 24 22.65 16.41 22.38
N GLU B 25 21.53 16.24 21.71
CA GLU B 25 20.21 16.60 22.28
C GLU B 25 19.85 15.60 23.39
N LEU B 26 20.11 14.30 23.21
CA LEU B 26 19.88 13.32 24.30
C LEU B 26 20.70 13.73 25.53
N GLY B 27 21.95 14.19 25.33
CA GLY B 27 22.81 14.65 26.45
C GLY B 27 22.23 15.87 27.14
N ARG B 28 21.75 16.84 26.38
CA ARG B 28 21.10 18.06 26.94
C ARG B 28 19.95 17.63 27.83
N ILE B 29 19.12 16.70 27.34
CA ILE B 29 17.90 16.23 28.04
C ILE B 29 18.29 15.43 29.28
N MET B 30 19.22 14.49 29.15
CA MET B 30 19.58 13.61 30.28
C MET B 30 20.25 14.45 31.37
N LYS B 31 21.07 15.43 31.01
CA LYS B 31 21.70 16.35 32.00
C LYS B 31 20.63 17.00 32.88
N GLU B 32 19.45 17.30 32.34
CA GLU B 32 18.38 18.03 33.08
C GLU B 32 17.62 17.05 33.97
N GLN B 33 17.79 15.73 33.78
CA GLN B 33 17.04 14.74 34.59
C GLN B 33 17.68 14.66 35.98
N GLU B 34 16.84 14.60 37.01
CA GLU B 34 17.26 14.36 38.40
C GLU B 34 18.00 13.02 38.48
N GLY B 35 19.14 13.02 39.16
CA GLY B 35 19.88 11.78 39.48
C GLY B 35 20.68 11.34 38.27
N ALA B 36 20.97 12.25 37.34
CA ALA B 36 21.75 11.93 36.12
C ALA B 36 22.80 13.00 35.90
N ARG B 37 23.98 12.57 35.49
CA ARG B 37 25.09 13.47 35.13
C ARG B 37 25.71 12.95 33.87
N ILE B 38 26.02 13.85 32.94
CA ILE B 38 26.86 13.51 31.76
C ILE B 38 28.31 13.72 32.19
N VAL B 39 29.08 12.64 32.26
CA VAL B 39 30.46 12.76 32.80
C VAL B 39 31.45 12.95 31.66
N ALA B 40 31.18 12.34 30.50
CA ALA B 40 32.15 12.29 29.39
C ALA B 40 31.43 11.96 28.08
N VAL B 41 32.00 12.47 26.99
CA VAL B 41 31.54 12.21 25.60
C VAL B 41 32.72 11.75 24.76
N LEU B 42 32.43 10.93 23.76
CA LEU B 42 33.40 10.49 22.73
C LEU B 42 32.77 10.74 21.36
N ASP B 43 33.41 11.58 20.55
CA ASP B 43 32.93 12.00 19.21
C ASP B 43 34.07 12.76 18.56
N PRO B 44 34.80 12.11 17.62
CA PRO B 44 36.04 12.67 17.08
C PRO B 44 35.82 14.08 16.54
N GLU B 45 34.72 14.28 15.82
CA GLU B 45 34.47 15.58 15.13
C GLU B 45 33.82 16.58 16.07
N ASN B 46 32.84 16.20 16.90
CA ASN B 46 31.97 17.18 17.58
C ASN B 46 32.03 17.04 19.11
N GLY B 47 32.87 16.15 19.63
CA GLY B 47 32.94 15.90 21.09
C GLY B 47 33.37 17.12 21.87
N GLN B 48 34.40 17.83 21.40
CA GLN B 48 34.98 18.96 22.15
C GLN B 48 33.87 20.00 22.31
N THR B 49 33.15 20.30 21.23
CA THR B 49 32.08 21.34 21.23
C THR B 49 30.98 20.94 22.23
N ILE B 50 30.51 19.70 22.17
CA ILE B 50 29.39 19.27 23.03
C ILE B 50 29.86 19.16 24.50
N ALA B 51 31.09 18.73 24.74
CA ALA B 51 31.63 18.62 26.11
C ALA B 51 31.66 20.01 26.74
N GLU B 52 32.04 21.03 25.98
CA GLU B 52 32.08 22.43 26.45
C GLU B 52 30.67 22.87 26.80
N GLU B 53 29.67 22.53 25.96
CA GLU B 53 28.27 22.92 26.23
C GLU B 53 27.77 22.19 27.49
N LEU B 54 27.97 20.88 27.60
CA LEU B 54 27.40 20.07 28.70
C LEU B 54 28.24 20.20 29.98
N ASP B 55 29.39 20.89 29.91
CA ASP B 55 30.37 21.01 31.01
C ASP B 55 30.81 19.60 31.43
N CYS B 56 31.33 18.81 30.49
CA CYS B 56 31.82 17.45 30.82
C CYS B 56 33.18 17.19 30.17
N ASP B 57 33.70 15.99 30.38
CA ASP B 57 35.01 15.58 29.81
C ASP B 57 34.84 15.06 28.39
N VAL B 58 35.96 15.05 27.68
CA VAL B 58 36.12 14.37 26.36
C VAL B 58 37.03 13.18 26.56
N GLU B 59 36.65 12.04 26.01
CA GLU B 59 37.53 10.87 25.85
C GLU B 59 37.62 10.56 24.35
N THR B 60 38.66 9.82 23.93
CA THR B 60 38.90 9.46 22.53
C THR B 60 38.97 7.93 22.36
N ASP B 61 39.07 7.17 23.44
CA ASP B 61 39.23 5.71 23.36
C ASP B 61 38.10 5.08 24.17
N LEU B 62 37.34 4.18 23.56
CA LEU B 62 36.16 3.56 24.21
C LEU B 62 36.57 2.80 25.48
N ASP B 63 37.63 2.00 25.46
CA ASP B 63 38.03 1.23 26.68
C ASP B 63 38.44 2.21 27.80
N THR B 64 39.14 3.31 27.48
CA THR B 64 39.51 4.33 28.49
C THR B 64 38.22 4.95 29.06
N LEU B 65 37.31 5.36 28.18
CA LEU B 65 36.03 6.00 28.59
C LEU B 65 35.32 5.08 29.60
N TYR B 66 35.14 3.82 29.26
CA TYR B 66 34.26 2.90 30.02
C TYR B 66 34.97 2.44 31.31
N SER B 67 36.29 2.52 31.34
CA SER B 67 37.13 2.15 32.52
C SER B 67 36.97 3.21 33.62
N ARG B 68 36.45 4.38 33.29
CA ARG B 68 36.23 5.46 34.28
C ARG B 68 35.22 4.93 35.31
N GLU B 69 35.53 5.09 36.60
CA GLU B 69 34.62 4.69 37.69
C GLU B 69 33.32 5.50 37.55
N ASP B 70 33.37 6.74 37.08
CA ASP B 70 32.17 7.61 37.05
C ASP B 70 31.29 7.28 35.84
N VAL B 71 31.74 6.43 34.90
CA VAL B 71 30.90 6.03 33.74
C VAL B 71 30.16 4.74 34.08
N GLU B 72 28.85 4.82 34.31
CA GLU B 72 28.01 3.68 34.75
C GLU B 72 27.07 3.25 33.62
N ALA B 73 26.77 4.16 32.71
CA ALA B 73 25.82 3.93 31.61
C ALA B 73 26.32 4.69 30.40
N VAL B 74 25.93 4.24 29.21
CA VAL B 74 26.29 4.95 27.96
C VAL B 74 25.04 5.09 27.07
N ILE B 75 24.90 6.26 26.47
CA ILE B 75 23.95 6.52 25.35
C ILE B 75 24.75 6.43 24.06
N VAL B 76 24.42 5.44 23.22
CA VAL B 76 25.16 5.21 21.94
C VAL B 76 24.34 5.84 20.82
N ALA B 77 24.83 6.95 20.25
CA ALA B 77 24.11 7.71 19.20
C ALA B 77 25.06 7.97 18.01
N THR B 78 25.92 7.01 17.72
CA THR B 78 26.79 7.04 16.54
C THR B 78 25.94 6.77 15.30
N PRO B 79 26.48 6.98 14.09
CA PRO B 79 25.79 6.56 12.87
C PRO B 79 25.42 5.07 12.92
N ASN B 80 24.41 4.71 12.12
CA ASN B 80 23.74 3.40 12.15
C ASN B 80 24.76 2.26 12.08
N TYR B 81 25.83 2.43 11.30
CA TYR B 81 26.82 1.36 11.04
C TYR B 81 27.88 1.30 12.14
N LEU B 82 27.86 2.19 13.14
CA LEU B 82 28.95 2.30 14.16
C LEU B 82 28.41 2.10 15.56
N HIS B 83 27.40 1.23 15.73
CA HIS B 83 26.80 0.98 17.07
C HIS B 83 27.49 -0.19 17.77
N LYS B 84 28.11 -1.10 17.04
CA LYS B 84 28.48 -2.40 17.64
C LYS B 84 29.59 -2.21 18.67
N GLU B 85 30.71 -1.62 18.30
CA GLU B 85 31.90 -1.53 19.17
C GLU B 85 31.57 -0.76 20.45
N PRO B 86 30.89 0.41 20.39
CA PRO B 86 30.51 1.10 21.61
C PRO B 86 29.68 0.23 22.56
N VAL B 87 28.79 -0.62 22.04
CA VAL B 87 27.92 -1.48 22.90
C VAL B 87 28.73 -2.63 23.46
N ILE B 88 29.47 -3.32 22.61
CA ILE B 88 30.29 -4.49 23.03
C ILE B 88 31.26 -4.02 24.12
N LYS B 89 32.01 -2.95 23.89
CA LYS B 89 33.02 -2.49 24.89
C LYS B 89 32.34 -2.00 26.17
N ALA B 90 31.15 -1.41 26.09
CA ALA B 90 30.41 -0.99 27.30
C ALA B 90 30.14 -2.25 28.14
N ALA B 91 29.58 -3.28 27.51
CA ALA B 91 29.19 -4.51 28.20
C ALA B 91 30.45 -5.14 28.84
N GLU B 92 31.57 -5.10 28.11
CA GLU B 92 32.85 -5.71 28.59
C GLU B 92 33.37 -4.99 29.84
N HIS B 93 32.93 -3.75 30.08
CA HIS B 93 33.31 -2.91 31.25
C HIS B 93 32.17 -2.81 32.27
N GLY B 94 31.10 -3.60 32.12
CA GLY B 94 29.97 -3.59 33.06
C GLY B 94 29.20 -2.27 33.01
N VAL B 95 29.21 -1.59 31.87
CA VAL B 95 28.50 -0.30 31.64
C VAL B 95 27.12 -0.59 31.03
N ASN B 96 26.05 -0.01 31.58
CA ASN B 96 24.66 -0.17 31.10
C ASN B 96 24.49 0.59 29.77
N VAL B 97 23.70 0.04 28.85
CA VAL B 97 23.64 0.54 27.44
C VAL B 97 22.23 1.01 27.10
N PHE B 98 22.16 2.21 26.56
CA PHE B 98 21.03 2.68 25.71
C PHE B 98 21.58 2.82 24.30
N CYS B 99 20.93 2.23 23.30
CA CYS B 99 21.44 2.20 21.92
C CYS B 99 20.35 2.75 20.98
N GLU B 100 20.75 3.71 20.15
CA GLU B 100 19.85 4.29 19.13
C GLU B 100 19.43 3.22 18.12
N LYS B 101 18.27 3.46 17.51
CA LYS B 101 17.84 2.71 16.31
C LYS B 101 18.72 3.10 15.12
N PRO B 102 18.83 2.25 14.08
CA PRO B 102 18.51 0.83 14.18
C PRO B 102 19.64 0.26 15.03
N ILE B 103 19.36 -0.76 15.82
CA ILE B 103 20.39 -1.29 16.77
C ILE B 103 21.66 -1.58 15.98
N ALA B 104 21.53 -2.23 14.84
CA ALA B 104 22.70 -2.50 13.96
C ALA B 104 22.19 -2.71 12.53
N LEU B 105 23.10 -2.95 11.59
CA LEU B 105 22.73 -3.14 10.17
C LEU B 105 22.79 -4.61 9.79
N SER B 106 22.99 -5.51 10.76
CA SER B 106 22.83 -6.96 10.54
C SER B 106 22.26 -7.60 11.78
N TYR B 107 21.53 -8.67 11.58
CA TYR B 107 21.04 -9.51 12.69
C TYR B 107 22.23 -10.04 13.50
N GLN B 108 23.29 -10.51 12.86
CA GLN B 108 24.47 -11.05 13.60
C GLN B 108 24.97 -9.98 14.60
N ASP B 109 25.12 -8.74 14.14
CA ASP B 109 25.60 -7.65 15.01
C ASP B 109 24.62 -7.46 16.16
N CYS B 110 23.35 -7.28 15.85
CA CYS B 110 22.32 -7.00 16.86
C CYS B 110 22.29 -8.15 17.87
N ASP B 111 22.27 -9.39 17.40
CA ASP B 111 22.22 -10.59 18.26
C ASP B 111 23.43 -10.59 19.20
N GLU B 112 24.61 -10.33 18.68
CA GLU B 112 25.85 -10.30 19.48
C GLU B 112 25.77 -9.17 20.52
N MET B 113 25.22 -8.01 20.16
CA MET B 113 25.16 -6.86 21.10
C MET B 113 24.23 -7.24 22.27
N VAL B 114 23.05 -7.76 21.97
CA VAL B 114 22.08 -8.15 23.01
C VAL B 114 22.70 -9.27 23.86
N ARG B 115 23.35 -10.25 23.22
CA ARG B 115 23.85 -11.44 23.93
C ARG B 115 24.99 -11.01 24.87
N THR B 116 25.89 -10.16 24.38
CA THR B 116 27.06 -9.72 25.15
C THR B 116 26.58 -8.91 26.35
N CYS B 117 25.61 -8.03 26.19
CA CYS B 117 25.04 -7.28 27.33
C CYS B 117 24.42 -8.25 28.35
N GLN B 118 23.72 -9.28 27.92
CA GLN B 118 23.08 -10.27 28.83
C GLN B 118 24.20 -11.02 29.57
N GLU B 119 25.26 -11.39 28.87
CA GLU B 119 26.32 -12.23 29.46
C GLU B 119 27.03 -11.42 30.53
N HIS B 120 27.17 -10.11 30.35
CA HIS B 120 27.87 -9.23 31.33
C HIS B 120 26.91 -8.67 32.38
N GLY B 121 25.64 -9.05 32.32
CA GLY B 121 24.62 -8.60 33.30
C GLY B 121 24.43 -7.10 33.26
N VAL B 122 24.58 -6.46 32.10
CA VAL B 122 24.27 -5.01 31.97
C VAL B 122 22.93 -4.82 31.23
N ILE B 123 22.23 -3.75 31.55
CA ILE B 123 20.96 -3.39 30.85
C ILE B 123 21.31 -3.01 29.41
N PHE B 124 20.45 -3.40 28.47
CA PHE B 124 20.51 -2.96 27.05
C PHE B 124 19.11 -2.45 26.68
N MET B 125 18.95 -1.15 26.55
CA MET B 125 17.67 -0.55 26.11
C MET B 125 17.77 -0.19 24.63
N ALA B 126 16.86 -0.75 23.83
CA ALA B 126 16.74 -0.41 22.39
C ALA B 126 15.95 0.89 22.25
N GLY B 127 16.51 1.92 21.63
CA GLY B 127 15.89 3.26 21.52
C GLY B 127 14.82 3.30 20.44
N HIS B 128 13.85 2.38 20.50
CA HIS B 128 12.66 2.38 19.60
C HIS B 128 11.64 3.42 20.09
N VAL B 129 11.97 4.70 19.90
CA VAL B 129 11.29 5.84 20.56
C VAL B 129 9.83 5.97 20.09
N MET B 130 9.47 5.41 18.95
CA MET B 130 8.07 5.51 18.47
C MET B 130 7.13 4.86 19.49
N ASN B 131 7.60 3.90 20.27
CA ASN B 131 6.78 3.22 21.31
C ASN B 131 6.36 4.21 22.41
N PHE B 132 7.01 5.36 22.52
CA PHE B 132 6.69 6.37 23.54
C PHE B 132 5.65 7.39 23.05
N PHE B 133 5.35 7.42 21.74
CA PHE B 133 4.32 8.33 21.20
C PHE B 133 3.00 8.08 21.92
N HIS B 134 2.32 9.13 22.37
CA HIS B 134 0.96 8.99 22.96
C HIS B 134 0.07 8.12 22.05
N GLY B 135 0.04 8.40 20.74
CA GLY B 135 -0.79 7.73 19.75
C GLY B 135 -0.52 6.22 19.68
N VAL B 136 0.75 5.85 19.76
CA VAL B 136 1.15 4.41 19.71
C VAL B 136 0.74 3.73 21.01
N ARG B 137 1.00 4.36 22.16
CA ARG B 137 0.61 3.80 23.46
C ARG B 137 -0.91 3.61 23.46
N TYR B 138 -1.64 4.58 22.94
CA TYR B 138 -3.12 4.57 22.93
C TYR B 138 -3.63 3.47 21.99
N ALA B 139 -3.03 3.34 20.81
CA ALA B 139 -3.38 2.28 19.85
C ALA B 139 -3.22 0.93 20.55
N LYS B 140 -2.09 0.71 21.25
CA LYS B 140 -1.86 -0.56 21.95
C LYS B 140 -2.96 -0.81 23.01
N LYS B 141 -3.31 0.24 23.76
CA LYS B 141 -4.38 0.14 24.79
C LYS B 141 -5.69 -0.28 24.14
N LEU B 142 -6.10 0.37 23.03
CA LEU B 142 -7.33 0.03 22.30
C LEU B 142 -7.27 -1.44 21.88
N ILE B 143 -6.14 -1.89 21.34
CA ILE B 143 -5.98 -3.30 20.92
C ILE B 143 -6.15 -4.24 22.12
N ASN B 144 -5.39 -4.00 23.19
CA ASN B 144 -5.46 -4.81 24.44
C ASN B 144 -6.90 -4.83 24.98
N ASP B 145 -7.61 -3.72 24.84
CA ASP B 145 -8.97 -3.56 25.39
C ASP B 145 -10.01 -4.25 24.48
N GLY B 146 -9.61 -4.72 23.30
CA GLY B 146 -10.47 -5.49 22.37
C GLY B 146 -11.33 -4.59 21.51
N VAL B 147 -11.04 -3.28 21.46
CA VAL B 147 -11.95 -2.30 20.82
C VAL B 147 -12.02 -2.61 19.32
N ILE B 148 -10.92 -3.02 18.69
CA ILE B 148 -10.90 -3.29 17.22
C ILE B 148 -10.87 -4.80 16.94
N GLY B 149 -11.07 -5.64 17.97
CA GLY B 149 -11.03 -7.10 17.80
C GLY B 149 -9.63 -7.57 17.48
N LYS B 150 -9.49 -8.71 16.79
CA LYS B 150 -8.18 -9.25 16.42
C LYS B 150 -7.61 -8.39 15.29
N VAL B 151 -6.35 -7.96 15.42
CA VAL B 151 -5.65 -7.21 14.36
C VAL B 151 -5.37 -8.17 13.21
N LEU B 152 -5.85 -7.83 12.04
CA LEU B 152 -5.73 -8.65 10.81
C LEU B 152 -4.62 -8.12 9.93
N TYR B 153 -4.49 -6.79 9.85
CA TYR B 153 -3.70 -6.12 8.79
C TYR B 153 -3.21 -4.78 9.29
N CYS B 154 -1.89 -4.56 9.17
CA CYS B 154 -1.28 -3.24 9.35
C CYS B 154 -0.66 -2.77 8.05
N HIS B 155 -0.83 -1.50 7.76
CA HIS B 155 -0.31 -0.85 6.54
C HIS B 155 0.44 0.38 7.05
N SER B 156 1.72 0.44 6.82
CA SER B 156 2.53 1.64 7.13
C SER B 156 3.07 2.24 5.84
N ALA B 157 3.29 3.54 5.88
CA ALA B 157 3.96 4.25 4.78
C ALA B 157 4.81 5.35 5.40
N ARG B 158 5.95 5.61 4.79
CA ARG B 158 6.82 6.72 5.19
C ARG B 158 7.52 7.17 3.92
N ASN B 159 6.77 7.92 3.11
CA ASN B 159 7.03 8.18 1.67
C ASN B 159 7.10 9.68 1.48
N GLY B 160 8.21 10.17 0.93
CA GLY B 160 8.36 11.57 0.54
C GLY B 160 9.24 11.72 -0.70
N TRP B 161 9.53 12.97 -1.05
CA TRP B 161 10.39 13.32 -2.19
C TRP B 161 11.63 14.02 -1.65
N GLU B 162 12.81 13.47 -1.96
CA GLU B 162 14.11 14.06 -1.59
C GLU B 162 14.74 14.65 -2.85
N GLU B 163 15.04 15.94 -2.80
CA GLU B 163 15.79 16.64 -3.86
C GLU B 163 17.26 16.28 -3.77
N GLN B 164 17.95 16.38 -4.91
CA GLN B 164 19.43 16.37 -4.95
C GLN B 164 19.98 17.40 -3.94
N GLN B 165 20.92 16.99 -3.09
CA GLN B 165 21.58 17.85 -2.07
C GLN B 165 22.99 18.22 -2.55
N PRO B 166 23.59 19.32 -2.02
CA PRO B 166 24.96 19.70 -2.37
C PRO B 166 26.01 18.65 -1.99
N THR B 167 25.75 17.92 -0.88
CA THR B 167 26.58 16.80 -0.39
C THR B 167 25.68 15.62 -0.06
N ILE B 168 26.27 14.43 -0.03
CA ILE B 168 25.55 13.17 0.29
C ILE B 168 25.84 12.86 1.77
N SER B 169 24.80 12.88 2.62
CA SER B 169 24.88 12.52 4.04
C SER B 169 25.19 11.03 4.14
N TRP B 170 25.87 10.61 5.22
CA TRP B 170 26.01 9.17 5.55
C TRP B 170 24.62 8.51 5.59
N LYS B 171 23.58 9.29 5.86
CA LYS B 171 22.19 8.78 6.04
C LYS B 171 21.66 8.25 4.71
N LYS B 172 22.27 8.62 3.59
CA LYS B 172 21.80 8.23 2.23
C LYS B 172 22.62 7.06 1.68
N ILE B 173 23.62 6.59 2.43
CA ILE B 173 24.58 5.57 1.91
C ILE B 173 24.25 4.24 2.58
N ARG B 174 23.90 3.25 1.78
CA ARG B 174 23.42 1.94 2.25
C ARG B 174 24.37 1.36 3.30
N GLU B 175 25.68 1.38 3.03
CA GLU B 175 26.64 0.76 3.96
C GLU B 175 26.65 1.49 5.32
N LYS B 176 26.26 2.76 5.36
CA LYS B 176 26.38 3.58 6.60
C LYS B 176 25.02 3.68 7.30
N SER B 177 23.91 3.71 6.56
CA SER B 177 22.56 3.94 7.16
C SER B 177 21.70 2.70 7.08
N GLY B 178 22.00 1.78 6.14
CA GLY B 178 21.09 0.69 5.78
C GLY B 178 19.95 1.17 4.88
N GLY B 179 19.94 2.44 4.50
CA GLY B 179 18.83 3.07 3.74
C GLY B 179 17.56 3.12 4.56
N HIS B 180 16.44 3.40 3.93
CA HIS B 180 15.17 3.73 4.61
C HIS B 180 14.75 2.60 5.55
N LEU B 181 14.90 1.35 5.14
CA LEU B 181 14.35 0.24 5.94
C LEU B 181 14.96 0.27 7.35
N TYR B 182 16.27 0.50 7.46
CA TYR B 182 16.96 0.48 8.77
C TYR B 182 16.92 1.87 9.40
N HIS B 183 17.19 2.92 8.62
CA HIS B 183 17.19 4.29 9.18
C HIS B 183 15.79 4.64 9.67
N HIS B 184 14.77 4.22 8.94
CA HIS B 184 13.35 4.44 9.33
C HIS B 184 12.72 3.12 9.74
N ILE B 185 13.43 2.32 10.53
CA ILE B 185 12.91 1.03 11.04
C ILE B 185 11.76 1.25 12.02
N HIS B 186 11.52 2.47 12.50
CA HIS B 186 10.43 2.80 13.44
C HIS B 186 9.13 2.09 13.02
N GLU B 187 8.74 2.23 11.75
CA GLU B 187 7.42 1.71 11.25
C GLU B 187 7.41 0.19 11.33
N LEU B 188 8.51 -0.45 10.96
CA LEU B 188 8.61 -1.94 10.97
C LEU B 188 8.47 -2.41 12.43
N ASP B 189 9.22 -1.79 13.35
CA ASP B 189 9.14 -2.13 14.78
C ASP B 189 7.71 -1.89 15.30
N CYS B 190 7.06 -0.81 14.86
CA CYS B 190 5.70 -0.48 15.30
C CYS B 190 4.73 -1.58 14.87
N VAL B 191 4.80 -1.99 13.62
CA VAL B 191 3.91 -3.05 13.10
C VAL B 191 4.16 -4.34 13.87
N GLN B 192 5.41 -4.65 14.21
CA GLN B 192 5.72 -5.93 14.89
C GLN B 192 5.18 -5.85 16.32
N PHE B 193 5.28 -4.69 16.98
CA PHE B 193 4.65 -4.52 18.30
C PHE B 193 3.14 -4.76 18.18
N LEU B 194 2.50 -4.19 17.15
CA LEU B 194 1.02 -4.22 17.05
C LEU B 194 0.53 -5.64 16.72
N MET B 195 1.36 -6.41 16.00
CA MET B 195 0.96 -7.75 15.50
C MET B 195 1.63 -8.88 16.30
N GLY B 196 2.35 -8.55 17.36
CA GLY B 196 2.78 -9.53 18.39
C GLY B 196 4.07 -10.24 18.01
N GLY B 197 4.88 -9.66 17.13
CA GLY B 197 6.23 -10.17 16.84
C GLY B 197 6.61 -10.12 15.38
N MET B 198 7.53 -11.01 15.00
CA MET B 198 8.01 -11.19 13.62
C MET B 198 6.93 -11.85 12.77
N PRO B 199 6.91 -11.57 11.46
CA PRO B 199 6.15 -12.37 10.50
C PRO B 199 6.85 -13.71 10.27
N GLU B 200 6.18 -14.64 9.58
CA GLU B 200 6.82 -15.92 9.17
C GLU B 200 7.65 -15.73 7.89
N GLU B 201 7.17 -14.92 6.96
CA GLU B 201 7.71 -14.79 5.59
CA GLU B 201 7.89 -14.70 5.69
C GLU B 201 7.55 -13.34 5.11
N VAL B 202 8.50 -12.83 4.33
CA VAL B 202 8.39 -11.49 3.76
C VAL B 202 8.78 -11.50 2.28
N THR B 203 8.23 -10.53 1.56
CA THR B 203 8.66 -10.10 0.23
C THR B 203 8.95 -8.61 0.29
N MET B 204 10.09 -8.17 -0.23
CA MET B 204 10.29 -6.73 -0.45
C MET B 204 10.69 -6.52 -1.89
N THR B 205 10.08 -5.51 -2.49
CA THR B 205 10.39 -5.08 -3.87
C THR B 205 10.75 -3.60 -3.81
N GLY B 206 11.38 -3.14 -4.87
CA GLY B 206 11.80 -1.75 -4.99
C GLY B 206 13.20 -1.63 -5.51
N GLY B 207 13.72 -0.40 -5.47
CA GLY B 207 15.00 -0.08 -6.10
C GLY B 207 15.28 1.38 -5.98
N ASN B 208 16.28 1.82 -6.76
CA ASN B 208 16.69 3.23 -6.84
C ASN B 208 16.13 3.73 -8.16
N VAL B 209 14.91 4.27 -8.12
CA VAL B 209 14.08 4.57 -9.32
C VAL B 209 14.36 5.97 -9.86
N ALA B 210 14.87 6.89 -9.05
CA ALA B 210 14.94 8.32 -9.43
C ALA B 210 16.15 9.00 -8.78
N HIS B 211 17.02 8.25 -8.08
CA HIS B 211 18.17 8.86 -7.35
C HIS B 211 19.48 8.14 -7.70
N GLN B 212 19.65 7.78 -8.97
CA GLN B 212 20.86 7.03 -9.43
C GLN B 212 21.85 8.04 -10.01
N GLY B 213 23.10 7.96 -9.58
CA GLY B 213 24.18 8.81 -10.12
C GLY B 213 25.03 9.43 -9.03
N GLU B 214 26.06 10.15 -9.46
CA GLU B 214 27.19 10.56 -8.59
C GLU B 214 26.68 11.49 -7.50
N ALA B 215 25.61 12.27 -7.73
CA ALA B 215 25.14 13.34 -6.80
C ALA B 215 24.20 12.76 -5.73
N PHE B 216 23.89 11.46 -5.83
CA PHE B 216 22.94 10.75 -4.93
C PHE B 216 23.65 9.63 -4.17
N GLY B 217 23.14 9.31 -2.97
CA GLY B 217 23.49 8.06 -2.25
C GLY B 217 22.96 6.84 -3.00
N ASP B 218 23.39 5.65 -2.62
CA ASP B 218 23.07 4.39 -3.34
C ASP B 218 21.85 3.71 -2.70
N GLU B 219 21.23 4.29 -1.68
CA GLU B 219 20.07 3.61 -1.05
C GLU B 219 18.96 3.46 -2.10
N ASP B 220 18.12 2.45 -1.91
CA ASP B 220 16.81 2.34 -2.59
C ASP B 220 15.95 3.56 -2.22
N ASP B 221 15.26 4.15 -3.21
CA ASP B 221 14.38 5.30 -2.94
C ASP B 221 12.91 4.85 -2.94
N MET B 222 12.64 3.58 -3.23
CA MET B 222 11.26 3.02 -3.10
C MET B 222 11.38 1.59 -2.59
N LEU B 223 10.68 1.26 -1.51
CA LEU B 223 10.66 -0.08 -0.91
C LEU B 223 9.24 -0.45 -0.53
N PHE B 224 8.82 -1.65 -0.90
CA PHE B 224 7.45 -2.13 -0.63
C PHE B 224 7.55 -3.53 -0.04
N VAL B 225 7.15 -3.66 1.21
CA VAL B 225 7.22 -4.92 1.98
C VAL B 225 5.82 -5.51 2.08
N ASN B 226 5.75 -6.81 1.87
CA ASN B 226 4.55 -7.66 2.00
C ASN B 226 4.90 -8.72 3.05
N MET B 227 4.27 -8.66 4.22
CA MET B 227 4.57 -9.59 5.34
CA MET B 227 4.53 -9.54 5.40
C MET B 227 3.41 -10.56 5.54
N GLN B 228 3.75 -11.81 5.80
CA GLN B 228 2.79 -12.88 6.09
C GLN B 228 3.05 -13.34 7.52
N PHE B 229 2.09 -13.10 8.41
CA PHE B 229 2.18 -13.47 9.83
C PHE B 229 1.50 -14.83 10.03
N SER B 230 1.85 -15.48 11.12
CA SER B 230 1.16 -16.70 11.57
C SER B 230 -0.34 -16.39 11.68
N ASP B 231 -1.16 -17.43 11.55
CA ASP B 231 -2.63 -17.35 11.79
C ASP B 231 -3.27 -16.33 10.83
N ASN B 232 -2.83 -16.28 9.58
CA ASN B 232 -3.63 -15.66 8.50
C ASN B 232 -3.75 -14.14 8.73
N ARG B 233 -2.62 -13.48 8.92
CA ARG B 233 -2.59 -12.00 9.16
C ARG B 233 -1.48 -11.42 8.28
N TYR B 234 -1.54 -10.12 8.00
CA TYR B 234 -0.75 -9.53 6.86
C TYR B 234 -0.27 -8.15 7.26
N ALA B 235 0.76 -7.66 6.59
CA ALA B 235 1.13 -6.24 6.66
C ALA B 235 1.73 -5.80 5.33
N VAL B 236 1.49 -4.54 5.00
CA VAL B 236 2.11 -3.87 3.85
C VAL B 236 2.85 -2.67 4.43
N LEU B 237 4.12 -2.51 4.08
CA LEU B 237 4.92 -1.39 4.59
C LEU B 237 5.64 -0.74 3.40
N GLU B 238 5.48 0.56 3.27
CA GLU B 238 6.07 1.34 2.17
C GLU B 238 7.08 2.33 2.75
N TRP B 239 8.20 2.54 2.04
CA TRP B 239 9.17 3.61 2.37
C TRP B 239 9.71 4.24 1.11
N GLY B 240 10.09 5.51 1.23
CA GLY B 240 11.20 6.01 0.42
C GLY B 240 11.14 7.49 0.16
N SER B 241 11.95 7.88 -0.81
CA SER B 241 12.36 9.27 -1.11
C SER B 241 12.08 9.65 -2.56
N ALA B 242 11.24 8.91 -3.28
CA ALA B 242 10.88 9.20 -4.69
C ALA B 242 9.37 9.33 -4.86
N PHE B 243 8.66 9.78 -3.84
CA PHE B 243 7.17 9.84 -3.80
C PHE B 243 6.71 11.30 -3.74
N HIS B 244 6.12 11.79 -4.83
CA HIS B 244 5.60 13.18 -4.88
C HIS B 244 4.22 13.23 -4.22
N TRP B 245 3.67 12.10 -3.76
CA TRP B 245 2.48 12.10 -2.88
C TRP B 245 2.93 11.72 -1.47
N PRO B 246 3.19 12.70 -0.58
CA PRO B 246 3.76 12.37 0.72
C PRO B 246 2.75 11.65 1.61
N GLU B 247 3.22 10.61 2.30
CA GLU B 247 2.37 9.83 3.23
C GLU B 247 3.26 9.37 4.37
N HIS B 248 2.77 9.52 5.59
CA HIS B 248 3.47 8.92 6.75
C HIS B 248 2.44 8.54 7.79
N TYR B 249 2.18 7.24 7.90
CA TYR B 249 1.13 6.76 8.82
C TYR B 249 1.33 5.29 9.13
N VAL B 250 0.63 4.84 10.18
CA VAL B 250 0.41 3.41 10.47
C VAL B 250 -1.09 3.21 10.58
N LEU B 251 -1.63 2.29 9.80
CA LEU B 251 -3.07 1.97 9.73
C LEU B 251 -3.25 0.55 10.22
N ILE B 252 -4.12 0.36 11.20
CA ILE B 252 -4.29 -0.93 11.93
C ILE B 252 -5.74 -1.37 11.72
N GLN B 253 -5.97 -2.58 11.20
CA GLN B 253 -7.32 -3.03 10.77
C GLN B 253 -7.60 -4.35 11.44
N GLY B 254 -8.69 -4.36 12.20
CA GLY B 254 -9.06 -5.53 12.99
C GLY B 254 -10.44 -6.02 12.61
N THR B 255 -10.89 -7.05 13.31
CA THR B 255 -12.21 -7.65 13.00
C THR B 255 -13.34 -6.69 13.33
N LYS B 256 -13.17 -5.75 14.27
CA LYS B 256 -14.27 -4.89 14.72
C LYS B 256 -14.06 -3.42 14.40
N GLY B 257 -12.85 -2.99 14.02
CA GLY B 257 -12.61 -1.56 13.80
C GLY B 257 -11.26 -1.32 13.19
N ALA B 258 -10.89 -0.05 13.13
CA ALA B 258 -9.56 0.31 12.59
C ALA B 258 -9.02 1.53 13.33
N ILE B 259 -7.70 1.68 13.32
CA ILE B 259 -6.98 2.80 13.96
C ILE B 259 -5.98 3.34 12.96
N LYS B 260 -5.94 4.65 12.78
CA LYS B 260 -4.90 5.29 11.96
C LYS B 260 -4.08 6.23 12.83
N ILE B 261 -2.77 6.08 12.75
CA ILE B 261 -1.81 7.01 13.38
C ILE B 261 -1.14 7.77 12.24
N ASP B 262 -1.59 9.00 12.00
CA ASP B 262 -1.10 9.81 10.86
C ASP B 262 -0.04 10.78 11.40
N MET B 263 1.14 10.75 10.79
CA MET B 263 2.28 11.61 11.19
C MET B 263 2.53 12.71 10.16
N CYS B 264 1.68 12.81 9.14
CA CYS B 264 1.80 13.83 8.09
C CYS B 264 0.72 14.89 8.31
N ASP B 265 -0.55 14.52 8.15
CA ASP B 265 -1.72 15.29 8.66
C ASP B 265 -1.91 14.77 10.08
N CYS B 266 -1.17 15.35 11.02
CA CYS B 266 -0.83 14.63 12.29
C CYS B 266 -2.08 14.44 13.16
N GLY B 267 -2.40 13.19 13.49
CA GLY B 267 -3.55 12.88 14.36
C GLY B 267 -3.91 11.41 14.28
N GLY B 268 -4.59 10.95 15.31
CA GLY B 268 -5.09 9.58 15.42
C GLY B 268 -6.56 9.51 15.17
N THR B 269 -7.00 8.46 14.50
CA THR B 269 -8.44 8.18 14.27
C THR B 269 -8.75 6.74 14.65
N LEU B 270 -9.83 6.56 15.40
CA LEU B 270 -10.44 5.25 15.65
C LEU B 270 -11.78 5.20 14.91
N LYS B 271 -11.97 4.16 14.09
CA LYS B 271 -13.27 3.80 13.49
C LYS B 271 -13.77 2.55 14.19
N VAL B 272 -14.95 2.60 14.80
CA VAL B 272 -15.58 1.38 15.36
C VAL B 272 -17.08 1.61 15.36
N ASP B 273 -17.83 0.57 14.99
CA ASP B 273 -19.32 0.57 15.08
C ASP B 273 -19.91 1.80 14.39
N GLY B 274 -19.28 2.31 13.32
CA GLY B 274 -19.78 3.43 12.51
C GLY B 274 -19.54 4.80 13.12
N ARG B 275 -18.76 4.91 14.20
CA ARG B 275 -18.33 6.23 14.74
C ARG B 275 -16.83 6.39 14.57
N GLU B 276 -16.37 7.64 14.59
CA GLU B 276 -14.95 8.00 14.59
C GLU B 276 -14.66 8.71 15.90
N GLU B 277 -13.51 8.42 16.49
CA GLU B 277 -12.94 9.17 17.63
C GLU B 277 -11.54 9.64 17.22
N HIS B 278 -11.11 10.77 17.72
CA HIS B 278 -9.79 11.36 17.39
C HIS B 278 -8.97 11.32 18.66
N PHE B 279 -7.65 11.22 18.49
CA PHE B 279 -6.67 11.22 19.59
C PHE B 279 -5.39 11.84 19.07
N LEU B 280 -4.59 12.31 20.01
CA LEU B 280 -3.29 12.93 19.70
C LEU B 280 -2.25 11.86 19.37
N VAL B 281 -1.40 12.15 18.40
CA VAL B 281 -0.22 11.25 18.17
C VAL B 281 0.83 11.63 19.22
N HIS B 282 1.06 12.91 19.46
CA HIS B 282 2.15 13.38 20.36
C HIS B 282 1.55 13.91 21.67
N GLU B 283 2.30 14.70 22.43
CA GLU B 283 1.95 14.86 23.86
C GLU B 283 1.04 16.08 24.02
N SER B 284 0.70 16.78 22.95
CA SER B 284 -0.22 17.94 22.96
C SER B 284 -0.70 18.25 21.55
N GLN B 285 -1.84 18.93 21.44
CA GLN B 285 -2.33 19.38 20.12
C GLN B 285 -1.27 20.27 19.46
N GLU B 286 -0.54 21.08 20.24
CA GLU B 286 0.53 21.99 19.74
C GLU B 286 1.61 21.13 19.08
N GLU B 287 1.97 20.00 19.69
CA GLU B 287 3.02 19.12 19.11
C GLU B 287 2.52 18.55 17.78
N ASP B 288 1.29 18.03 17.75
CA ASP B 288 0.72 17.44 16.50
C ASP B 288 0.69 18.51 15.41
N ASP B 289 0.20 19.69 15.75
CA ASP B 289 -0.01 20.77 14.74
C ASP B 289 1.35 21.24 14.21
N ASP B 290 2.34 21.29 15.08
CA ASP B 290 3.72 21.66 14.69
C ASP B 290 4.26 20.63 13.68
N ARG B 291 4.06 19.34 13.98
CA ARG B 291 4.51 18.26 13.06
C ARG B 291 3.83 18.43 11.69
N THR B 292 2.53 18.69 11.67
CA THR B 292 1.75 18.94 10.43
C THR B 292 2.38 20.10 9.65
N ARG B 293 2.72 21.18 10.33
CA ARG B 293 3.35 22.38 9.71
C ARG B 293 4.70 21.98 9.11
N ILE B 294 5.50 21.19 9.83
CA ILE B 294 6.82 20.75 9.30
C ILE B 294 6.61 19.92 8.03
N TYR B 295 5.67 18.97 8.01
CA TYR B 295 5.48 18.11 6.82
C TYR B 295 5.03 18.99 5.64
N HIS B 296 4.13 19.93 5.87
CA HIS B 296 3.57 20.78 4.80
C HIS B 296 4.70 21.69 4.27
N GLY B 297 5.55 22.17 5.16
CA GLY B 297 6.66 23.07 4.79
C GLY B 297 7.77 22.37 4.04
N THR B 298 7.92 21.05 4.20
CA THR B 298 9.09 20.28 3.65
C THR B 298 8.62 19.31 2.56
N GLU B 299 7.38 19.47 2.08
CA GLU B 299 6.77 18.55 1.08
C GLU B 299 7.66 18.39 -0.14
N MET B 300 8.24 19.49 -0.65
N MET B 300 8.21 19.51 -0.63
CA MET B 300 9.01 19.44 -1.92
CA MET B 300 9.04 19.56 -1.86
C MET B 300 10.42 18.89 -1.66
C MET B 300 10.35 18.82 -1.64
N ASP B 301 10.86 18.74 -0.39
CA ASP B 301 12.18 18.14 -0.08
C ASP B 301 12.23 17.61 1.35
N GLY B 302 12.01 16.29 1.50
CA GLY B 302 12.08 15.55 2.77
C GLY B 302 13.48 15.54 3.37
N ALA B 303 14.51 15.82 2.57
CA ALA B 303 15.91 15.85 3.02
C ALA B 303 16.05 16.84 4.18
N ILE B 304 15.20 17.87 4.23
CA ILE B 304 15.32 18.94 5.26
C ILE B 304 15.02 18.37 6.64
N MET B 305 14.25 17.28 6.75
CA MET B 305 13.87 16.73 8.08
C MET B 305 15.05 15.93 8.70
N TYR B 306 16.06 15.54 7.92
CA TYR B 306 17.16 14.69 8.43
C TYR B 306 18.08 15.57 9.28
N GLY B 307 18.29 15.16 10.52
CA GLY B 307 19.23 15.84 11.43
C GLY B 307 20.65 15.83 10.92
N LYS B 308 21.40 16.84 11.33
CA LYS B 308 22.87 16.84 11.17
C LYS B 308 23.46 17.66 12.32
N PRO B 309 24.76 17.51 12.63
CA PRO B 309 25.36 18.24 13.75
C PRO B 309 25.08 19.74 13.66
N GLY B 310 24.66 20.34 14.76
CA GLY B 310 24.38 21.79 14.85
C GLY B 310 22.89 22.05 14.83
N LYS B 311 22.10 21.13 14.28
CA LYS B 311 20.64 21.25 14.19
C LYS B 311 20.01 20.71 15.48
N LYS B 312 18.79 21.15 15.78
CA LYS B 312 18.03 20.75 16.99
C LYS B 312 16.80 19.99 16.54
N PRO B 313 16.44 18.87 17.20
CA PRO B 313 15.16 18.21 16.90
C PRO B 313 14.00 19.17 17.06
N PRO B 314 12.92 18.98 16.27
CA PRO B 314 11.71 19.76 16.46
C PRO B 314 10.99 19.41 17.78
N MET B 315 9.98 20.21 18.08
CA MET B 315 9.15 20.14 19.30
C MET B 315 8.71 18.72 19.62
N TRP B 316 7.98 18.03 18.73
CA TRP B 316 7.42 16.69 19.05
C TRP B 316 8.57 15.72 19.40
N LEU B 317 9.70 15.86 18.72
CA LEU B 317 10.79 14.87 18.86
C LEU B 317 11.54 15.17 20.18
N HIS B 318 11.80 16.44 20.48
CA HIS B 318 12.46 16.84 21.74
C HIS B 318 11.64 16.31 22.90
N SER B 319 10.32 16.45 22.78
CA SER B 319 9.36 16.10 23.84
C SER B 319 9.38 14.59 24.10
N ILE B 320 9.38 13.76 23.06
CA ILE B 320 9.39 12.29 23.28
C ILE B 320 10.78 11.78 23.70
N MET B 321 11.83 12.46 23.26
CA MET B 321 13.21 12.15 23.70
C MET B 321 13.29 12.31 25.21
N LYS B 322 12.61 13.33 25.75
CA LYS B 322 12.56 13.58 27.21
C LYS B 322 11.86 12.38 27.86
N ASN B 323 10.71 11.95 27.33
CA ASN B 323 9.98 10.77 27.85
C ASN B 323 10.91 9.54 27.89
N GLU B 324 11.65 9.32 26.82
CA GLU B 324 12.46 8.09 26.67
C GLU B 324 13.66 8.16 27.63
N MET B 325 14.30 9.32 27.72
CA MET B 325 15.46 9.50 28.62
C MET B 325 15.00 9.42 30.08
N LYS B 326 13.83 9.97 30.40
CA LYS B 326 13.24 9.81 31.76
C LYS B 326 13.03 8.32 32.02
N TYR B 327 12.50 7.57 31.07
CA TYR B 327 12.24 6.12 31.25
CA TYR B 327 12.24 6.11 31.24
C TYR B 327 13.57 5.39 31.51
N LEU B 328 14.58 5.67 30.69
CA LEU B 328 15.93 5.03 30.84
C LEU B 328 16.47 5.34 32.24
N ASN B 329 16.41 6.60 32.64
CA ASN B 329 17.00 7.06 33.92
C ASN B 329 16.28 6.35 35.06
N GLY B 330 14.98 6.17 34.95
CA GLY B 330 14.19 5.43 35.96
C GLY B 330 14.69 4.02 36.12
N ILE B 331 14.91 3.32 35.00
CA ILE B 331 15.34 1.90 34.99
C ILE B 331 16.69 1.84 35.71
N LEU B 332 17.56 2.81 35.45
CA LEU B 332 18.93 2.84 36.04
C LEU B 332 18.91 3.31 37.51
N HIS B 333 17.76 3.74 38.03
CA HIS B 333 17.55 4.06 39.47
C HIS B 333 16.64 2.99 40.09
N GLY B 334 16.41 1.89 39.38
CA GLY B 334 15.78 0.67 39.90
C GLY B 334 14.26 0.69 39.85
N LYS B 335 13.64 1.59 39.07
CA LYS B 335 12.17 1.57 38.86
C LYS B 335 11.83 0.32 38.02
N GLU B 336 10.73 -0.34 38.35
CA GLU B 336 10.39 -1.66 37.72
C GLU B 336 9.95 -1.40 36.28
N VAL B 337 10.44 -2.23 35.37
CA VAL B 337 10.21 -2.14 33.90
C VAL B 337 8.73 -2.43 33.64
N ASP B 338 8.01 -1.48 33.01
N ASP B 338 8.02 -1.47 33.02
CA ASP B 338 6.60 -1.65 32.57
CA ASP B 338 6.61 -1.58 32.59
C ASP B 338 6.53 -2.81 31.59
C ASP B 338 6.48 -2.71 31.55
N ASP B 339 5.46 -3.58 31.67
CA ASP B 339 5.22 -4.69 30.72
C ASP B 339 5.31 -4.10 29.29
N GLU B 340 4.76 -2.91 29.10
CA GLU B 340 4.55 -2.34 27.74
C GLU B 340 5.92 -2.16 27.07
N PHE B 341 6.93 -1.78 27.84
CA PHE B 341 8.25 -1.40 27.29
C PHE B 341 9.26 -2.52 27.52
N ARG B 342 8.86 -3.59 28.20
CA ARG B 342 9.81 -4.68 28.56
C ARG B 342 10.51 -5.20 27.30
N PRO B 343 9.84 -5.38 26.14
CA PRO B 343 10.53 -5.91 24.97
C PRO B 343 11.66 -5.01 24.45
N LEU B 344 11.73 -3.75 24.88
CA LEU B 344 12.87 -2.86 24.58
C LEU B 344 14.08 -3.16 25.48
N LEU B 345 13.90 -3.96 26.54
CA LEU B 345 14.97 -4.31 27.52
C LEU B 345 15.32 -5.79 27.40
N THR B 346 14.42 -6.66 26.93
CA THR B 346 14.71 -8.12 26.87
C THR B 346 15.61 -8.44 25.69
N GLY B 347 15.65 -7.55 24.68
CA GLY B 347 16.32 -7.85 23.40
C GLY B 347 15.33 -8.30 22.35
N GLU B 348 14.10 -8.58 22.75
CA GLU B 348 13.15 -9.22 21.82
C GLU B 348 12.82 -8.25 20.68
N ALA B 349 12.54 -6.97 20.96
CA ALA B 349 12.16 -6.02 19.90
C ALA B 349 13.37 -5.70 19.02
N ALA B 350 14.56 -5.57 19.61
CA ALA B 350 15.80 -5.29 18.88
C ALA B 350 16.04 -6.43 17.88
N ARG B 351 16.06 -7.66 18.37
CA ARG B 351 16.30 -8.83 17.49
C ARG B 351 15.22 -8.92 16.42
N ALA B 352 13.95 -8.76 16.77
CA ALA B 352 12.83 -8.91 15.83
C ALA B 352 12.94 -7.85 14.73
N ALA B 353 13.20 -6.60 15.09
CA ALA B 353 13.30 -5.49 14.10
C ALA B 353 14.41 -5.80 13.10
N ILE B 354 15.61 -6.15 13.57
CA ILE B 354 16.77 -6.32 12.66
C ILE B 354 16.62 -7.65 11.90
N ALA B 355 16.11 -8.70 12.53
CA ALA B 355 15.87 -9.98 11.83
C ALA B 355 14.97 -9.73 10.64
N THR B 356 13.82 -9.09 10.86
CA THR B 356 12.87 -8.86 9.76
C THR B 356 13.48 -7.92 8.73
N ALA B 357 14.17 -6.85 9.14
CA ALA B 357 14.83 -5.93 8.19
C ALA B 357 15.80 -6.72 7.31
N ASP B 358 16.60 -7.61 7.91
CA ASP B 358 17.57 -8.44 7.14
C ASP B 358 16.83 -9.35 6.16
N ALA B 359 15.70 -9.93 6.58
CA ALA B 359 14.87 -10.82 5.73
C ALA B 359 14.33 -10.04 4.52
N CYS B 360 13.82 -8.84 4.76
CA CYS B 360 13.31 -7.94 3.70
C CYS B 360 14.46 -7.59 2.74
N THR B 361 15.63 -7.22 3.27
CA THR B 361 16.80 -6.85 2.45
C THR B 361 17.17 -8.02 1.54
N LYS B 362 17.29 -9.20 2.11
CA LYS B 362 17.65 -10.43 1.38
C LYS B 362 16.59 -10.70 0.33
N SER B 363 15.33 -10.55 0.68
CA SER B 363 14.21 -10.77 -0.29
C SER B 363 14.37 -9.85 -1.50
N ARG B 364 14.65 -8.58 -1.27
CA ARG B 364 14.76 -7.61 -2.37
C ARG B 364 16.01 -7.88 -3.22
N PHE B 365 17.14 -8.19 -2.60
N PHE B 365 17.16 -8.11 -2.57
N PHE B 365 17.15 -8.18 -2.61
CA PHE B 365 18.42 -8.35 -3.36
CA PHE B 365 18.46 -8.41 -3.23
CA PHE B 365 18.44 -8.37 -3.35
C PHE B 365 18.44 -9.71 -4.06
C PHE B 365 18.33 -9.66 -4.08
C PHE B 365 18.49 -9.74 -4.04
N GLU B 366 17.82 -10.74 -3.48
CA GLU B 366 17.78 -12.10 -4.08
C GLU B 366 16.51 -12.28 -4.91
N ASP B 367 15.61 -11.32 -4.88
CA ASP B 367 14.37 -11.28 -5.70
C ASP B 367 13.50 -12.50 -5.38
N ARG B 368 13.33 -12.80 -4.10
CA ARG B 368 12.54 -13.98 -3.70
C ARG B 368 11.87 -13.70 -2.36
N LYS B 369 10.86 -14.49 -2.08
CA LYS B 369 10.32 -14.55 -0.70
C LYS B 369 11.39 -15.11 0.24
N VAL B 370 11.41 -14.57 1.46
CA VAL B 370 12.37 -14.99 2.51
C VAL B 370 11.59 -15.34 3.78
N LYS B 371 11.85 -16.49 4.36
CA LYS B 371 11.31 -16.89 5.68
C LYS B 371 12.22 -16.30 6.78
N LEU B 372 11.64 -15.80 7.86
CA LEU B 372 12.41 -15.31 9.04
C LEU B 372 13.34 -16.42 9.58
N SER B 373 12.95 -17.69 9.43
CA SER B 373 13.79 -18.84 9.87
C SER B 373 15.14 -18.81 9.17
N GLU B 374 15.23 -18.30 7.94
CA GLU B 374 16.53 -18.24 7.22
C GLU B 374 17.47 -17.29 7.95
N ILE B 375 16.94 -16.28 8.61
CA ILE B 375 17.76 -15.26 9.29
C ILE B 375 18.10 -15.72 10.71
N ILE B 376 17.09 -16.17 11.47
CA ILE B 376 17.27 -16.35 12.93
C ILE B 376 17.79 -17.77 13.20
N GLY B 377 17.78 -18.64 12.20
CA GLY B 377 17.93 -20.10 12.38
C GLY B 377 16.61 -20.72 12.79
#